data_4ZRB
#
_entry.id   4ZRB
#
_cell.length_a   50.160
_cell.length_b   71.860
_cell.length_c   82.430
_cell.angle_alpha   82.65
_cell.angle_beta   81.38
_cell.angle_gamma   79.65
#
_symmetry.space_group_name_H-M   'P 1'
#
loop_
_entity.id
_entity.type
_entity.pdbx_description
1 polymer 'Hypothetical Thioesterase Protein SP_1851'
2 non-polymer 'COENZYME A'
3 water water
#
_entity_poly.entity_id   1
_entity_poly.type   'polypeptide(L)'
_entity_poly.pdbx_seq_one_letter_code
;SNAMKDFHFDAISAFENYEIEKMRDGHVVVTTKVVNSSLNYYGNAHGGYLFTLCDQISGLVVISLGLDGVTLQSSINYLK
AGKLDDVLTIKGECVHQGRTTCVMDVDITNQEGRNVCKATFTMFVTGQRSEERRVRI
;
_entity_poly.pdbx_strand_id   A,B,C,D,E,G,H,F
#
loop_
_chem_comp.id
_chem_comp.type
_chem_comp.name
_chem_comp.formula
COA non-polymer 'COENZYME A' 'C21 H36 N7 O16 P3 S'
#
# COMPACT_ATOMS: atom_id res chain seq x y z
N PHE A 7 -2.16 -11.84 17.11
CA PHE A 7 -3.32 -11.76 16.22
C PHE A 7 -3.02 -10.87 15.01
N HIS A 8 -2.81 -11.48 13.87
CA HIS A 8 -2.49 -10.75 12.64
C HIS A 8 -3.70 -10.39 11.80
N PHE A 9 -3.65 -9.24 11.16
CA PHE A 9 -4.63 -8.87 10.13
C PHE A 9 -3.94 -8.02 9.07
N ASP A 10 -4.39 -8.15 7.83
CA ASP A 10 -3.77 -7.48 6.69
C ASP A 10 -3.97 -5.98 6.63
N ALA A 11 -3.07 -5.31 5.92
CA ALA A 11 -3.17 -3.88 5.65
C ALA A 11 -4.37 -3.58 4.75
N ILE A 12 -4.98 -2.42 4.96
CA ILE A 12 -6.09 -1.97 4.13
C ILE A 12 -5.68 -0.81 3.22
N SER A 13 -5.70 -1.00 1.90
CA SER A 13 -5.47 0.10 0.96
C SER A 13 -6.72 0.57 0.21
N ALA A 14 -6.80 1.88 -0.03
CA ALA A 14 -7.87 2.46 -0.83
C ALA A 14 -7.31 3.24 -2.02
N PHE A 15 -8.07 3.28 -3.13
CA PHE A 15 -7.68 3.96 -4.36
C PHE A 15 -6.36 3.49 -4.97
N GLU A 16 -6.22 2.16 -5.08
CA GLU A 16 -5.14 1.57 -5.84
C GLU A 16 -5.55 1.57 -7.31
N ASN A 17 -6.82 1.84 -7.54
CA ASN A 17 -7.36 2.06 -8.88
C ASN A 17 -8.61 2.92 -8.73
N TYR A 18 -8.81 3.83 -9.68
CA TYR A 18 -10.00 4.67 -9.70
C TYR A 18 -10.14 5.37 -11.04
N GLU A 19 -11.34 5.83 -11.33
CA GLU A 19 -11.57 6.66 -12.49
C GLU A 19 -12.46 7.84 -12.10
N ILE A 20 -11.96 9.05 -12.31
CA ILE A 20 -12.76 10.22 -12.07
C ILE A 20 -13.63 10.51 -13.28
N GLU A 21 -14.92 10.18 -13.17
CA GLU A 21 -15.85 10.42 -14.27
C GLU A 21 -16.33 11.85 -14.28
N LYS A 22 -16.43 12.46 -13.11
CA LYS A 22 -16.94 13.81 -13.01
C LYS A 22 -16.36 14.55 -11.80
N MET A 23 -16.01 15.81 -11.99
CA MET A 23 -15.52 16.63 -10.90
C MET A 23 -15.72 18.09 -11.30
N ARG A 24 -16.91 18.60 -11.03
CA ARG A 24 -17.28 19.95 -11.43
C ARG A 24 -18.26 20.60 -10.46
N ASP A 25 -17.89 21.75 -9.92
CA ASP A 25 -18.79 22.64 -9.18
C ASP A 25 -19.66 21.93 -8.14
N GLY A 26 -19.03 21.19 -7.24
CA GLY A 26 -19.75 20.54 -6.17
C GLY A 26 -20.39 19.21 -6.52
N HIS A 27 -20.03 18.66 -7.67
CA HIS A 27 -20.54 17.35 -8.09
C HIS A 27 -19.39 16.44 -8.49
N VAL A 28 -19.30 15.28 -7.87
CA VAL A 28 -18.20 14.36 -8.13
C VAL A 28 -18.71 12.94 -8.33
N VAL A 29 -18.20 12.26 -9.35
CA VAL A 29 -18.47 10.85 -9.55
C VAL A 29 -17.14 10.13 -9.80
N VAL A 30 -16.85 9.13 -8.96
CA VAL A 30 -15.63 8.35 -9.10
C VAL A 30 -15.98 6.86 -9.10
N THR A 31 -15.34 6.07 -9.95
CA THR A 31 -15.56 4.63 -9.93
C THR A 31 -14.31 3.90 -9.49
N THR A 32 -14.48 2.72 -8.90
CA THR A 32 -13.33 1.95 -8.46
C THR A 32 -13.69 0.48 -8.40
N LYS A 33 -12.71 -0.40 -8.53
CA LYS A 33 -13.00 -1.83 -8.40
C LYS A 33 -12.45 -2.38 -7.09
N VAL A 34 -13.28 -3.11 -6.35
CA VAL A 34 -12.85 -3.74 -5.12
C VAL A 34 -11.81 -4.81 -5.40
N VAL A 35 -10.65 -4.68 -4.78
CA VAL A 35 -9.56 -5.64 -4.96
C VAL A 35 -9.19 -6.26 -3.62
N ASN A 36 -8.20 -7.14 -3.62
CA ASN A 36 -7.84 -7.88 -2.41
C ASN A 36 -7.39 -6.98 -1.27
N SER A 37 -6.73 -5.87 -1.58
CA SER A 37 -6.27 -4.94 -0.56
C SER A 37 -7.43 -4.15 0.06
N SER A 38 -8.60 -4.23 -0.56
CA SER A 38 -9.80 -3.56 -0.04
C SER A 38 -10.52 -4.34 1.06
N LEU A 39 -10.16 -5.60 1.25
CA LEU A 39 -11.00 -6.52 2.03
C LEU A 39 -10.58 -6.63 3.50
N ASN A 40 -11.57 -6.89 4.36
CA ASN A 40 -11.31 -7.19 5.75
C ASN A 40 -11.04 -8.69 5.94
N TYR A 41 -10.82 -9.12 7.19
CA TYR A 41 -10.52 -10.53 7.44
C TYR A 41 -11.70 -11.43 7.09
N TYR A 42 -12.90 -10.87 6.93
CA TYR A 42 -14.05 -11.70 6.61
C TYR A 42 -14.23 -11.81 5.09
N GLY A 43 -13.33 -11.17 4.35
CA GLY A 43 -13.35 -11.24 2.89
C GLY A 43 -14.31 -10.28 2.20
N ASN A 44 -14.87 -9.34 2.98
CA ASN A 44 -15.72 -8.28 2.43
C ASN A 44 -14.99 -6.95 2.42
N ALA A 45 -15.45 -6.01 1.59
CA ALA A 45 -14.90 -4.66 1.57
C ALA A 45 -14.89 -4.06 2.97
N HIS A 46 -13.71 -3.67 3.43
CA HIS A 46 -13.51 -3.14 4.78
C HIS A 46 -14.31 -1.85 4.99
N GLY A 47 -14.87 -1.69 6.18
CA GLY A 47 -15.63 -0.49 6.51
C GLY A 47 -14.82 0.78 6.34
N GLY A 48 -13.53 0.69 6.69
CA GLY A 48 -12.63 1.81 6.57
C GLY A 48 -12.30 2.11 5.12
N TYR A 49 -12.25 1.07 4.30
CA TYR A 49 -12.05 1.22 2.86
C TYR A 49 -13.20 2.00 2.23
N LEU A 50 -14.43 1.57 2.52
CA LEU A 50 -15.62 2.22 1.98
C LEU A 50 -15.71 3.67 2.46
N PHE A 51 -15.46 3.87 3.75
CA PHE A 51 -15.46 5.22 4.28
C PHE A 51 -14.41 6.07 3.58
N THR A 52 -13.21 5.52 3.38
CA THR A 52 -12.13 6.26 2.75
C THR A 52 -12.53 6.69 1.35
N LEU A 53 -13.21 5.81 0.64
CA LEU A 53 -13.76 6.17 -0.67
C LEU A 53 -14.65 7.41 -0.53
N CYS A 54 -15.56 7.37 0.43
CA CYS A 54 -16.48 8.49 0.63
C CYS A 54 -15.76 9.80 1.04
N ASP A 55 -14.79 9.69 1.94
CA ASP A 55 -14.06 10.85 2.47
C ASP A 55 -13.23 11.52 1.39
N GLN A 56 -12.55 10.72 0.57
CA GLN A 56 -11.77 11.26 -0.53
C GLN A 56 -12.68 11.94 -1.54
N ILE A 57 -13.82 11.33 -1.82
CA ILE A 57 -14.72 11.96 -2.79
C ILE A 57 -15.29 13.26 -2.22
N SER A 58 -15.51 13.32 -0.91
CA SER A 58 -15.94 14.55 -0.25
C SER A 58 -14.90 15.66 -0.39
N GLY A 59 -13.64 15.31 -0.19
CA GLY A 59 -12.56 16.26 -0.38
C GLY A 59 -12.50 16.73 -1.82
N LEU A 60 -12.76 15.81 -2.74
CA LEU A 60 -12.78 16.12 -4.15
C LEU A 60 -13.87 17.14 -4.46
N VAL A 61 -15.03 16.99 -3.82
CA VAL A 61 -16.12 17.95 -3.95
C VAL A 61 -15.65 19.34 -3.48
N VAL A 62 -15.02 19.36 -2.31
CA VAL A 62 -14.46 20.60 -1.77
C VAL A 62 -13.56 21.29 -2.80
N ILE A 63 -12.65 20.52 -3.38
CA ILE A 63 -11.72 21.06 -4.37
C ILE A 63 -12.48 21.57 -5.60
N SER A 64 -13.48 20.81 -6.04
CA SER A 64 -14.28 21.18 -7.20
C SER A 64 -15.05 22.48 -6.97
N LEU A 65 -15.22 22.85 -5.71
CA LEU A 65 -15.85 24.13 -5.40
C LEU A 65 -14.81 25.25 -5.33
N GLY A 66 -13.56 24.92 -5.64
CA GLY A 66 -12.48 25.87 -5.63
C GLY A 66 -12.02 26.18 -4.22
N LEU A 67 -12.22 25.21 -3.32
CA LEU A 67 -11.88 25.41 -1.91
C LEU A 67 -10.84 24.40 -1.42
N ASP A 68 -10.14 24.77 -0.35
CA ASP A 68 -9.34 23.84 0.42
C ASP A 68 -9.96 23.65 1.80
N GLY A 69 -9.98 22.40 2.25
CA GLY A 69 -10.64 22.05 3.50
C GLY A 69 -10.24 20.71 4.08
N VAL A 70 -10.68 20.48 5.33
CA VAL A 70 -10.39 19.27 6.07
C VAL A 70 -11.70 18.68 6.61
N THR A 71 -11.77 17.37 6.72
CA THR A 71 -12.97 16.75 7.28
C THR A 71 -13.09 17.08 8.76
N LEU A 72 -14.22 17.66 9.14
CA LEU A 72 -14.48 18.02 10.54
C LEU A 72 -15.26 16.91 11.23
N GLN A 73 -16.26 16.37 10.55
CA GLN A 73 -17.11 15.35 11.15
C GLN A 73 -17.71 14.49 10.05
N SER A 74 -17.98 13.22 10.33
CA SER A 74 -18.67 12.39 9.35
C SER A 74 -19.54 11.32 9.99
N SER A 75 -20.64 11.00 9.32
CA SER A 75 -21.51 9.91 9.74
C SER A 75 -21.73 9.00 8.54
N ILE A 76 -21.71 7.69 8.74
CA ILE A 76 -21.88 6.75 7.64
C ILE A 76 -22.76 5.57 8.02
N ASN A 77 -23.63 5.17 7.10
CA ASN A 77 -24.43 3.96 7.22
C ASN A 77 -23.99 2.93 6.20
N TYR A 78 -23.76 1.71 6.66
CA TYR A 78 -23.40 0.61 5.77
C TYR A 78 -24.64 -0.23 5.49
N LEU A 79 -25.07 -0.25 4.24
CA LEU A 79 -26.36 -0.80 3.87
C LEU A 79 -26.24 -2.20 3.29
N LYS A 80 -25.24 -2.39 2.43
CA LYS A 80 -25.03 -3.67 1.78
C LYS A 80 -23.54 -3.93 1.64
N ALA A 81 -23.12 -5.16 1.89
CA ALA A 81 -21.72 -5.51 1.84
C ALA A 81 -21.12 -5.30 0.45
N GLY A 82 -19.89 -4.80 0.42
CA GLY A 82 -19.13 -4.72 -0.81
C GLY A 82 -18.34 -6.00 -1.00
N LYS A 83 -18.26 -6.47 -2.24
CA LYS A 83 -17.60 -7.73 -2.56
C LYS A 83 -16.44 -7.54 -3.52
N LEU A 84 -15.50 -8.47 -3.47
CA LEU A 84 -14.39 -8.52 -4.42
C LEU A 84 -14.89 -8.43 -5.86
N ASP A 85 -14.21 -7.64 -6.67
CA ASP A 85 -14.51 -7.43 -8.09
C ASP A 85 -15.74 -6.55 -8.35
N ASP A 86 -16.44 -6.14 -7.29
CA ASP A 86 -17.50 -5.14 -7.44
C ASP A 86 -16.94 -3.85 -8.02
N VAL A 87 -17.70 -3.24 -8.93
CA VAL A 87 -17.38 -1.90 -9.37
C VAL A 87 -18.27 -0.94 -8.60
N LEU A 88 -17.64 -0.09 -7.79
CA LEU A 88 -18.35 0.85 -6.95
C LEU A 88 -18.34 2.23 -7.59
N THR A 89 -19.52 2.84 -7.60
CA THR A 89 -19.70 4.21 -8.04
C THR A 89 -19.93 5.08 -6.81
N ILE A 90 -19.04 6.04 -6.64
CA ILE A 90 -19.06 6.95 -5.51
C ILE A 90 -19.47 8.34 -5.98
N LYS A 91 -20.65 8.77 -5.56
CA LYS A 91 -21.16 10.07 -5.93
C LYS A 91 -21.16 11.00 -4.72
N GLY A 92 -20.48 12.13 -4.87
CA GLY A 92 -20.45 13.12 -3.80
C GLY A 92 -21.02 14.43 -4.30
N GLU A 93 -21.82 15.08 -3.48
CA GLU A 93 -22.37 16.37 -3.84
C GLU A 93 -22.51 17.28 -2.63
N CYS A 94 -22.17 18.55 -2.81
CA CYS A 94 -22.38 19.54 -1.76
C CYS A 94 -23.87 19.88 -1.64
N VAL A 95 -24.40 19.76 -0.43
CA VAL A 95 -25.80 20.05 -0.20
C VAL A 95 -25.97 21.34 0.60
N HIS A 96 -24.86 21.87 1.11
CA HIS A 96 -24.88 23.17 1.78
C HIS A 96 -23.46 23.74 1.81
N GLN A 97 -23.29 24.95 1.28
CA GLN A 97 -21.99 25.61 1.34
C GLN A 97 -22.01 26.86 2.22
N GLY A 98 -21.34 26.79 3.38
CA GLY A 98 -21.23 27.92 4.27
C GLY A 98 -19.87 28.57 4.15
N ARG A 99 -19.61 29.58 4.98
CA ARG A 99 -18.33 30.29 4.92
C ARG A 99 -17.18 29.51 5.55
N THR A 100 -17.48 28.76 6.60
CA THR A 100 -16.45 28.04 7.33
C THR A 100 -16.67 26.54 7.27
N THR A 101 -17.89 26.12 6.97
CA THR A 101 -18.20 24.71 6.85
C THR A 101 -19.03 24.42 5.62
N CYS A 102 -18.88 23.19 5.12
CA CYS A 102 -19.69 22.68 4.03
C CYS A 102 -20.24 21.32 4.42
N VAL A 103 -21.40 20.96 3.88
CA VAL A 103 -21.92 19.62 4.13
C VAL A 103 -22.08 18.88 2.82
N MET A 104 -21.44 17.71 2.74
CA MET A 104 -21.46 16.87 1.55
C MET A 104 -22.23 15.58 1.79
N ASP A 105 -23.04 15.18 0.82
CA ASP A 105 -23.63 13.86 0.80
C ASP A 105 -22.83 12.97 -0.14
N VAL A 106 -22.45 11.79 0.33
CA VAL A 106 -21.74 10.85 -0.53
C VAL A 106 -22.41 9.49 -0.48
N ASP A 107 -22.71 8.91 -1.63
CA ASP A 107 -23.31 7.58 -1.67
C ASP A 107 -22.51 6.65 -2.56
N ILE A 108 -22.44 5.39 -2.17
CA ILE A 108 -21.79 4.37 -2.99
C ILE A 108 -22.78 3.32 -3.46
N THR A 109 -22.79 3.06 -4.77
CA THR A 109 -23.64 2.02 -5.34
C THR A 109 -22.78 1.01 -6.08
N ASN A 110 -23.26 -0.23 -6.24
CA ASN A 110 -22.46 -1.22 -6.96
C ASN A 110 -22.87 -1.35 -8.43
N GLN A 111 -22.23 -2.27 -9.14
CA GLN A 111 -22.44 -2.42 -10.57
C GLN A 111 -23.87 -2.84 -10.92
N GLU A 112 -24.59 -3.37 -9.94
CA GLU A 112 -25.99 -3.73 -10.14
C GLU A 112 -26.93 -2.61 -9.69
N GLY A 113 -26.35 -1.46 -9.35
CA GLY A 113 -27.13 -0.31 -8.92
C GLY A 113 -27.65 -0.38 -7.49
N ARG A 114 -27.18 -1.37 -6.72
CA ARG A 114 -27.62 -1.52 -5.35
C ARG A 114 -26.80 -0.62 -4.40
N ASN A 115 -27.47 -0.05 -3.40
CA ASN A 115 -26.84 0.81 -2.41
C ASN A 115 -25.87 0.06 -1.48
N VAL A 116 -24.62 0.52 -1.41
CA VAL A 116 -23.65 -0.13 -0.55
C VAL A 116 -23.52 0.61 0.78
N CYS A 117 -23.34 1.93 0.70
CA CYS A 117 -23.26 2.76 1.90
C CYS A 117 -23.58 4.21 1.59
N LYS A 118 -23.89 4.96 2.64
CA LYS A 118 -24.31 6.35 2.53
C LYS A 118 -23.69 7.20 3.65
N ALA A 119 -23.10 8.33 3.29
CA ALA A 119 -22.39 9.12 4.28
C ALA A 119 -22.70 10.60 4.16
N THR A 120 -22.52 11.28 5.28
CA THR A 120 -22.64 12.73 5.37
C THR A 120 -21.34 13.26 5.96
N PHE A 121 -20.79 14.28 5.32
CA PHE A 121 -19.54 14.90 5.75
C PHE A 121 -19.68 16.38 6.07
N THR A 122 -19.19 16.78 7.23
CA THR A 122 -19.04 18.18 7.55
C THR A 122 -17.58 18.53 7.36
N MET A 123 -17.32 19.40 6.39
CA MET A 123 -15.97 19.79 6.00
C MET A 123 -15.70 21.20 6.51
N PHE A 124 -14.49 21.41 7.02
CA PHE A 124 -14.07 22.73 7.49
C PHE A 124 -13.29 23.44 6.39
N VAL A 125 -13.77 24.60 5.95
CA VAL A 125 -13.10 25.31 4.87
C VAL A 125 -11.85 25.98 5.43
N THR A 126 -10.70 25.67 4.85
CA THR A 126 -9.43 26.16 5.36
C THR A 126 -8.80 27.18 4.42
N GLY A 127 -9.38 27.33 3.24
CA GLY A 127 -8.89 28.35 2.32
C GLY A 127 -9.39 28.28 0.90
N GLN A 128 -8.86 29.15 0.05
CA GLN A 128 -9.24 29.22 -1.36
C GLN A 128 -8.15 28.74 -2.31
N ARG A 129 -8.43 27.70 -3.09
CA ARG A 129 -7.49 27.28 -4.13
C ARG A 129 -7.09 28.43 -5.04
N PHE B 7 14.44 -0.30 14.39
CA PHE B 7 14.70 0.40 13.14
C PHE B 7 13.52 0.26 12.18
N HIS B 8 12.78 1.35 11.98
CA HIS B 8 11.61 1.33 11.12
C HIS B 8 11.87 1.77 9.68
N PHE B 9 11.31 1.01 8.74
CA PHE B 9 11.26 1.45 7.34
C PHE B 9 9.85 1.21 6.78
N ASP B 10 9.41 2.09 5.87
CA ASP B 10 8.06 2.01 5.32
C ASP B 10 7.85 0.83 4.38
N ALA B 11 6.59 0.48 4.17
CA ALA B 11 6.22 -0.52 3.17
C ALA B 11 6.50 0.05 1.78
N ILE B 12 6.64 -0.84 0.80
CA ILE B 12 6.87 -0.42 -0.58
C ILE B 12 5.80 -0.98 -1.51
N SER B 13 5.00 -0.11 -2.11
CA SER B 13 4.01 -0.53 -3.11
C SER B 13 4.42 -0.26 -4.57
N ALA B 14 4.05 -1.18 -5.46
CA ALA B 14 4.25 -0.99 -6.90
C ALA B 14 2.92 -1.07 -7.66
N PHE B 15 2.80 -0.40 -8.78
CA PHE B 15 1.60 -0.43 -9.57
C PHE B 15 0.34 0.07 -8.88
N GLU B 16 0.51 1.07 -8.05
CA GLU B 16 -0.52 1.78 -7.34
C GLU B 16 -1.17 2.66 -8.40
N ASN B 17 -0.45 2.91 -9.48
CA ASN B 17 -0.99 3.54 -10.69
C ASN B 17 -0.19 3.06 -11.91
N TYR B 18 -0.85 2.97 -13.04
CA TYR B 18 -0.24 2.59 -14.30
C TYR B 18 -1.15 2.76 -15.51
N GLU B 19 -0.53 2.79 -16.67
CA GLU B 19 -1.19 2.87 -17.92
C GLU B 19 -0.50 1.90 -18.90
N ILE B 20 -1.20 0.92 -19.43
CA ILE B 20 -0.69 0.03 -20.46
C ILE B 20 -0.88 0.66 -21.84
N GLU B 21 0.19 1.20 -22.40
CA GLU B 21 0.12 1.80 -23.72
C GLU B 21 0.21 0.77 -24.81
N LYS B 22 0.97 -0.29 -24.56
CA LYS B 22 1.15 -1.31 -25.57
C LYS B 22 1.42 -2.65 -24.93
N MET B 23 0.79 -3.68 -25.48
CA MET B 23 0.96 -5.04 -25.03
C MET B 23 0.54 -5.97 -26.16
N ARG B 24 1.48 -6.24 -27.05
CA ARG B 24 1.18 -7.02 -28.24
C ARG B 24 2.38 -7.80 -28.75
N ASP B 25 2.21 -9.11 -28.86
CA ASP B 25 3.16 -9.99 -29.54
C ASP B 25 4.60 -9.84 -29.06
N GLY B 26 4.81 -9.93 -27.75
CA GLY B 26 6.15 -9.88 -27.20
C GLY B 26 6.72 -8.48 -27.00
N HIS B 27 5.87 -7.48 -27.14
CA HIS B 27 6.27 -6.08 -26.92
C HIS B 27 5.31 -5.37 -25.98
N VAL B 28 5.86 -4.79 -24.91
CA VAL B 28 5.04 -4.17 -23.90
C VAL B 28 5.57 -2.78 -23.56
N VAL B 29 4.67 -1.81 -23.46
CA VAL B 29 5.01 -0.48 -22.99
C VAL B 29 4.02 -0.06 -21.91
N VAL B 30 4.55 0.23 -20.72
CA VAL B 30 3.73 0.66 -19.60
C VAL B 30 4.29 1.94 -19.02
N THR B 31 3.44 2.88 -18.64
CA THR B 31 3.91 4.08 -17.97
C THR B 31 3.36 4.10 -16.55
N THR B 32 4.07 4.77 -15.65
CA THR B 32 3.63 4.85 -14.26
C THR B 32 4.20 6.09 -13.62
N LYS B 33 3.56 6.59 -12.57
CA LYS B 33 4.06 7.74 -11.84
C LYS B 33 4.67 7.34 -10.50
N VAL B 34 5.89 7.81 -10.26
CA VAL B 34 6.55 7.55 -8.98
C VAL B 34 5.82 8.32 -7.88
N VAL B 35 5.36 7.59 -6.86
CA VAL B 35 4.64 8.19 -5.75
C VAL B 35 5.35 7.91 -4.43
N ASN B 36 4.78 8.39 -3.33
CA ASN B 36 5.44 8.27 -2.03
C ASN B 36 5.64 6.83 -1.60
N SER B 37 4.69 5.95 -1.95
CA SER B 37 4.80 4.54 -1.61
C SER B 37 5.88 3.84 -2.43
N SER B 38 6.38 4.52 -3.46
CA SER B 38 7.45 3.98 -4.31
C SER B 38 8.84 4.14 -3.72
N LEU B 39 8.94 4.96 -2.68
CA LEU B 39 10.25 5.46 -2.22
C LEU B 39 10.92 4.66 -1.10
N ASN B 40 12.25 4.66 -1.11
CA ASN B 40 13.03 4.10 -0.01
C ASN B 40 13.24 5.15 1.08
N TYR B 41 13.98 4.80 2.13
CA TYR B 41 14.20 5.72 3.24
C TYR B 41 14.97 6.97 2.83
N TYR B 42 15.65 6.93 1.68
CA TYR B 42 16.45 8.08 1.24
C TYR B 42 15.65 9.03 0.35
N GLY B 43 14.37 8.73 0.14
CA GLY B 43 13.51 9.59 -0.65
C GLY B 43 13.60 9.37 -2.15
N ASN B 44 14.31 8.32 -2.55
CA ASN B 44 14.37 7.89 -3.96
C ASN B 44 13.56 6.63 -4.21
N ALA B 45 13.21 6.41 -5.48
CA ALA B 45 12.53 5.20 -5.90
C ALA B 45 13.27 3.96 -5.41
N HIS B 46 12.56 3.12 -4.66
CA HIS B 46 13.13 1.93 -4.06
C HIS B 46 13.62 0.97 -5.15
N GLY B 47 14.75 0.32 -4.91
CA GLY B 47 15.29 -0.65 -5.86
C GLY B 47 14.33 -1.79 -6.15
N GLY B 48 13.62 -2.22 -5.11
CA GLY B 48 12.65 -3.29 -5.23
C GLY B 48 11.43 -2.83 -6.01
N TYR B 49 11.11 -1.55 -5.88
CA TYR B 49 10.01 -0.94 -6.64
C TYR B 49 10.30 -0.98 -8.14
N LEU B 50 11.49 -0.49 -8.51
CA LEU B 50 11.92 -0.47 -9.91
C LEU B 50 11.99 -1.88 -10.49
N PHE B 51 12.59 -2.78 -9.71
CA PHE B 51 12.65 -4.17 -10.14
C PHE B 51 11.25 -4.73 -10.36
N THR B 52 10.33 -4.45 -9.45
CA THR B 52 8.98 -4.97 -9.58
C THR B 52 8.33 -4.45 -10.85
N LEU B 53 8.56 -3.17 -11.16
CA LEU B 53 8.09 -2.63 -12.44
C LEU B 53 8.59 -3.51 -13.59
N CYS B 54 9.89 -3.80 -13.57
CA CYS B 54 10.49 -4.61 -14.63
C CYS B 54 9.95 -6.05 -14.70
N ASP B 55 9.79 -6.69 -13.54
CA ASP B 55 9.35 -8.08 -13.47
C ASP B 55 7.92 -8.21 -13.97
N GLN B 56 7.09 -7.26 -13.57
CA GLN B 56 5.71 -7.26 -14.00
C GLN B 56 5.61 -7.05 -15.50
N ILE B 57 6.41 -6.15 -16.04
CA ILE B 57 6.33 -5.93 -17.48
C ILE B 57 6.84 -7.18 -18.22
N SER B 58 7.82 -7.86 -17.63
CA SER B 58 8.29 -9.13 -18.19
C SER B 58 7.19 -10.19 -18.25
N GLY B 59 6.43 -10.29 -17.17
CA GLY B 59 5.30 -11.19 -17.12
C GLY B 59 4.25 -10.81 -18.16
N LEU B 60 4.08 -9.51 -18.34
CA LEU B 60 3.13 -8.98 -19.32
C LEU B 60 3.55 -9.41 -20.73
N VAL B 61 4.86 -9.38 -21.00
CA VAL B 61 5.40 -9.85 -22.27
C VAL B 61 5.03 -11.32 -22.48
N VAL B 62 5.29 -12.13 -21.44
CA VAL B 62 4.96 -13.54 -21.48
C VAL B 62 3.49 -13.74 -21.88
N ILE B 63 2.60 -13.00 -21.22
CA ILE B 63 1.17 -13.11 -21.52
C ILE B 63 0.86 -12.68 -22.95
N SER B 64 1.49 -11.59 -23.39
CA SER B 64 1.25 -11.07 -24.74
C SER B 64 1.69 -12.06 -25.81
N LEU B 65 2.55 -13.00 -25.43
CA LEU B 65 2.94 -14.07 -26.35
C LEU B 65 1.97 -15.26 -26.25
N GLY B 66 0.93 -15.11 -25.45
CA GLY B 66 -0.08 -16.14 -25.26
C GLY B 66 0.42 -17.25 -24.36
N LEU B 67 1.35 -16.91 -23.47
CA LEU B 67 1.93 -17.92 -22.59
C LEU B 67 1.73 -17.62 -21.11
N ASP B 68 1.82 -18.67 -20.30
CA ASP B 68 1.93 -18.54 -18.86
C ASP B 68 3.33 -18.95 -18.43
N GLY B 69 3.88 -18.21 -17.48
CA GLY B 69 5.26 -18.40 -17.07
C GLY B 69 5.59 -17.84 -15.71
N VAL B 70 6.77 -18.21 -15.23
CA VAL B 70 7.26 -17.81 -13.92
C VAL B 70 8.68 -17.23 -14.07
N THR B 71 9.03 -16.24 -13.27
CA THR B 71 10.38 -15.68 -13.34
C THR B 71 11.41 -16.68 -12.83
N LEU B 72 12.37 -17.05 -13.66
CA LEU B 72 13.40 -18.01 -13.26
C LEU B 72 14.64 -17.31 -12.73
N GLN B 73 15.07 -16.26 -13.43
CA GLN B 73 16.31 -15.57 -13.05
C GLN B 73 16.18 -14.14 -13.53
N SER B 74 16.81 -13.21 -12.84
CA SER B 74 16.81 -11.83 -13.33
C SER B 74 18.07 -11.08 -12.93
N SER B 75 18.52 -10.20 -13.80
CA SER B 75 19.64 -9.32 -13.50
C SER B 75 19.21 -7.89 -13.78
N ILE B 76 19.59 -6.96 -12.91
CA ILE B 76 19.18 -5.58 -13.09
C ILE B 76 20.32 -4.61 -12.75
N ASN B 77 20.45 -3.58 -13.60
CA ASN B 77 21.34 -2.46 -13.31
C ASN B 77 20.56 -1.20 -13.04
N TYR B 78 20.92 -0.53 -11.95
CA TYR B 78 20.29 0.74 -11.59
C TYR B 78 21.22 1.85 -12.07
N LEU B 79 20.72 2.63 -13.03
CA LEU B 79 21.58 3.57 -13.75
C LEU B 79 21.41 4.98 -13.22
N LYS B 80 20.16 5.36 -12.99
CA LYS B 80 19.86 6.70 -12.51
C LYS B 80 18.70 6.61 -11.54
N ALA B 81 18.78 7.38 -10.45
CA ALA B 81 17.76 7.35 -9.42
C ALA B 81 16.40 7.77 -9.97
N GLY B 82 15.35 7.10 -9.52
CA GLY B 82 13.99 7.53 -9.80
C GLY B 82 13.63 8.51 -8.72
N LYS B 83 12.92 9.57 -9.09
CA LYS B 83 12.59 10.62 -8.12
C LYS B 83 11.08 10.74 -8.02
N LEU B 84 10.59 11.23 -6.89
CA LEU B 84 9.16 11.52 -6.71
C LEU B 84 8.61 12.34 -7.88
N ASP B 85 7.43 11.96 -8.35
CA ASP B 85 6.71 12.60 -9.45
C ASP B 85 7.29 12.31 -10.84
N ASP B 86 8.39 11.56 -10.90
CA ASP B 86 8.87 11.06 -12.19
C ASP B 86 7.81 10.23 -12.88
N VAL B 87 7.69 10.41 -14.18
CA VAL B 87 6.89 9.49 -14.99
C VAL B 87 7.84 8.52 -15.66
N LEU B 88 7.72 7.25 -15.30
CA LEU B 88 8.58 6.21 -15.84
C LEU B 88 7.90 5.44 -16.95
N THR B 89 8.66 5.25 -18.04
CA THR B 89 8.25 4.41 -19.14
C THR B 89 9.06 3.11 -19.11
N ILE B 90 8.32 2.01 -19.01
CA ILE B 90 8.85 0.66 -18.91
C ILE B 90 8.59 -0.12 -20.20
N LYS B 91 9.65 -0.46 -20.92
CA LYS B 91 9.53 -1.23 -22.15
C LYS B 91 10.06 -2.64 -21.98
N GLY B 92 9.24 -3.63 -22.33
CA GLY B 92 9.64 -5.02 -22.29
C GLY B 92 9.58 -5.61 -23.68
N GLU B 93 10.58 -6.41 -24.02
CA GLU B 93 10.63 -7.06 -25.32
C GLU B 93 11.22 -8.45 -25.18
N CYS B 94 10.61 -9.44 -25.83
CA CYS B 94 11.19 -10.78 -25.86
C CYS B 94 12.32 -10.81 -26.88
N VAL B 95 13.51 -11.25 -26.46
CA VAL B 95 14.64 -11.33 -27.38
C VAL B 95 15.01 -12.76 -27.68
N HIS B 96 14.40 -13.69 -26.95
CA HIS B 96 14.60 -15.10 -27.22
C HIS B 96 13.49 -15.92 -26.62
N GLN B 97 12.85 -16.70 -27.46
CA GLN B 97 11.87 -17.66 -27.00
C GLN B 97 12.45 -19.03 -27.24
N GLY B 98 12.85 -19.70 -26.18
CA GLY B 98 13.38 -21.05 -26.31
C GLY B 98 12.14 -21.88 -26.05
N ARG B 99 12.27 -23.20 -26.01
CA ARG B 99 11.08 -24.01 -25.87
C ARG B 99 10.43 -24.04 -24.46
N THR B 100 11.22 -23.99 -23.37
CA THR B 100 10.59 -23.93 -22.04
C THR B 100 10.94 -22.59 -21.36
N THR B 101 11.83 -21.81 -21.98
CA THR B 101 12.24 -20.53 -21.40
C THR B 101 12.11 -19.37 -22.38
N CYS B 102 11.95 -18.18 -21.82
CA CYS B 102 11.95 -16.95 -22.60
C CYS B 102 12.94 -15.96 -21.98
N VAL B 103 13.52 -15.11 -22.81
CA VAL B 103 14.38 -14.07 -22.27
C VAL B 103 13.84 -12.70 -22.66
N MET B 104 13.59 -11.87 -21.66
CA MET B 104 13.06 -10.54 -21.87
C MET B 104 14.08 -9.47 -21.54
N ASP B 105 14.11 -8.44 -22.39
CA ASP B 105 14.84 -7.22 -22.12
C ASP B 105 13.86 -6.18 -21.62
N VAL B 106 14.19 -5.54 -20.50
CA VAL B 106 13.34 -4.48 -19.98
C VAL B 106 14.14 -3.22 -19.70
N ASP B 107 13.65 -2.09 -20.19
CA ASP B 107 14.31 -0.82 -19.93
C ASP B 107 13.34 0.15 -19.29
N ILE B 108 13.82 0.91 -18.32
CA ILE B 108 13.04 1.98 -17.74
C ILE B 108 13.75 3.30 -17.97
N THR B 109 13.01 4.22 -18.59
CA THR B 109 13.46 5.58 -18.85
C THR B 109 12.50 6.57 -18.21
N ASN B 110 12.98 7.76 -17.88
CA ASN B 110 12.11 8.75 -17.26
C ASN B 110 11.54 9.74 -18.27
N GLN B 111 10.81 10.74 -17.78
CA GLN B 111 10.13 11.71 -18.63
C GLN B 111 11.13 12.55 -19.43
N GLU B 112 12.40 12.54 -19.01
CA GLU B 112 13.45 13.27 -19.72
C GLU B 112 14.19 12.40 -20.74
N GLY B 113 13.72 11.17 -20.92
CA GLY B 113 14.34 10.24 -21.85
C GLY B 113 15.65 9.65 -21.36
N ARG B 114 15.97 9.90 -20.08
CA ARG B 114 17.16 9.35 -19.47
C ARG B 114 16.93 7.92 -18.98
N ASN B 115 17.94 7.07 -19.17
CA ASN B 115 17.87 5.69 -18.73
C ASN B 115 17.88 5.59 -17.22
N VAL B 116 16.85 4.96 -16.66
CA VAL B 116 16.73 4.83 -15.21
C VAL B 116 17.26 3.48 -14.78
N CYS B 117 16.82 2.42 -15.44
CA CYS B 117 17.42 1.11 -15.13
C CYS B 117 17.22 0.13 -16.25
N LYS B 118 18.01 -0.94 -16.25
CA LYS B 118 17.93 -1.90 -17.35
C LYS B 118 18.05 -3.31 -16.80
N ALA B 119 17.15 -4.20 -17.21
CA ALA B 119 17.10 -5.53 -16.65
C ALA B 119 16.93 -6.61 -17.71
N THR B 120 17.37 -7.81 -17.38
CA THR B 120 17.20 -8.98 -18.21
C THR B 120 16.51 -10.05 -17.38
N PHE B 121 15.46 -10.64 -17.94
CA PHE B 121 14.69 -11.67 -17.25
C PHE B 121 14.68 -12.99 -18.00
N THR B 122 15.01 -14.06 -17.32
CA THR B 122 14.82 -15.40 -17.86
C THR B 122 13.58 -15.99 -17.19
N MET B 123 12.58 -16.25 -18.02
CA MET B 123 11.27 -16.72 -17.58
C MET B 123 11.09 -18.20 -17.91
N PHE B 124 10.50 -18.94 -16.98
CA PHE B 124 10.16 -20.33 -17.22
C PHE B 124 8.70 -20.43 -17.64
N VAL B 125 8.47 -20.94 -18.85
CA VAL B 125 7.12 -21.04 -19.39
C VAL B 125 6.38 -22.20 -18.75
N THR B 126 5.20 -21.91 -18.18
CA THR B 126 4.48 -22.93 -17.44
C THR B 126 3.24 -23.40 -18.18
N GLY B 127 2.91 -22.75 -19.30
CA GLY B 127 1.77 -23.21 -20.09
C GLY B 127 1.27 -22.28 -21.18
N GLN B 128 0.13 -22.63 -21.77
CA GLN B 128 -0.48 -21.79 -22.80
C GLN B 128 -1.71 -21.07 -22.27
N ARG B 129 -2.01 -19.91 -22.86
CA ARG B 129 -3.19 -19.13 -22.51
C ARG B 129 -4.28 -19.27 -23.56
N PHE C 7 -6.83 -4.83 -19.61
CA PHE C 7 -6.19 -5.83 -18.75
C PHE C 7 -5.79 -5.19 -17.44
N HIS C 8 -6.30 -5.72 -16.33
CA HIS C 8 -6.01 -5.12 -15.02
C HIS C 8 -5.33 -6.14 -14.11
N PHE C 9 -4.35 -5.67 -13.34
CA PHE C 9 -3.73 -6.48 -12.30
C PHE C 9 -3.55 -5.68 -11.01
N ASP C 10 -3.53 -6.39 -9.89
CA ASP C 10 -3.44 -5.75 -8.57
C ASP C 10 -2.08 -5.15 -8.27
N ALA C 11 -2.08 -4.16 -7.38
CA ALA C 11 -0.84 -3.57 -6.87
C ALA C 11 -0.08 -4.58 -6.00
N ILE C 12 1.25 -4.50 -6.03
CA ILE C 12 2.10 -5.35 -5.19
C ILE C 12 2.76 -4.57 -4.04
N SER C 13 2.42 -4.91 -2.80
CA SER C 13 3.11 -4.32 -1.64
C SER C 13 4.10 -5.26 -0.95
N ALA C 14 5.20 -4.68 -0.47
CA ALA C 14 6.19 -5.43 0.30
C ALA C 14 6.39 -4.81 1.70
N PHE C 15 6.74 -5.63 2.68
CA PHE C 15 6.95 -5.19 4.07
C PHE C 15 5.76 -4.46 4.70
N GLU C 16 4.58 -5.03 4.53
CA GLU C 16 3.39 -4.58 5.25
C GLU C 16 3.41 -5.21 6.64
N ASN C 17 4.33 -6.16 6.81
CA ASN C 17 4.64 -6.73 8.11
C ASN C 17 6.06 -7.27 8.04
N TYR C 18 6.80 -7.14 9.12
CA TYR C 18 8.14 -7.71 9.21
C TYR C 18 8.63 -7.70 10.65
N GLU C 19 9.63 -8.53 10.92
CA GLU C 19 10.31 -8.56 12.19
C GLU C 19 11.81 -8.60 11.95
N ILE C 20 12.53 -7.60 12.46
CA ILE C 20 13.99 -7.62 12.38
C ILE C 20 14.56 -8.46 13.52
N GLU C 21 14.96 -9.68 13.20
CA GLU C 21 15.52 -10.59 14.19
C GLU C 21 16.99 -10.29 14.44
N LYS C 22 17.70 -9.82 13.42
CA LYS C 22 19.12 -9.51 13.57
C LYS C 22 19.57 -8.42 12.61
N MET C 23 20.42 -7.51 13.09
CA MET C 23 20.99 -6.48 12.23
C MET C 23 22.26 -5.89 12.84
N ARG C 24 23.40 -6.55 12.61
CA ARG C 24 24.67 -6.11 13.19
C ARG C 24 25.88 -6.57 12.36
N ASP C 25 26.79 -5.64 12.09
CA ASP C 25 28.10 -5.94 11.53
C ASP C 25 28.04 -6.74 10.23
N GLY C 26 27.22 -6.29 9.29
CA GLY C 26 27.17 -6.90 7.98
C GLY C 26 26.33 -8.17 7.92
N HIS C 27 25.60 -8.45 9.00
CA HIS C 27 24.76 -9.63 9.04
C HIS C 27 23.33 -9.29 9.50
N VAL C 28 22.36 -9.67 8.66
CA VAL C 28 20.96 -9.30 8.88
C VAL C 28 19.98 -10.47 8.73
N VAL C 29 19.03 -10.58 9.65
CA VAL C 29 17.94 -11.54 9.50
C VAL C 29 16.60 -10.87 9.73
N VAL C 30 15.71 -10.95 8.74
CA VAL C 30 14.37 -10.38 8.84
C VAL C 30 13.33 -11.44 8.49
N THR C 31 12.21 -11.47 9.21
CA THR C 31 11.14 -12.40 8.85
C THR C 31 9.90 -11.63 8.40
N THR C 32 9.10 -12.25 7.57
CA THR C 32 7.88 -11.60 7.09
C THR C 32 6.87 -12.67 6.70
N LYS C 33 5.58 -12.34 6.73
CA LYS C 33 4.59 -13.32 6.30
C LYS C 33 3.99 -12.92 4.96
N VAL C 34 3.93 -13.88 4.04
CA VAL C 34 3.34 -13.62 2.74
C VAL C 34 1.85 -13.37 2.90
N VAL C 35 1.41 -12.20 2.44
CA VAL C 35 -0.01 -11.83 2.54
C VAL C 35 -0.56 -11.60 1.14
N ASN C 36 -1.84 -11.23 1.08
CA ASN C 36 -2.53 -11.10 -0.20
C ASN C 36 -1.90 -10.03 -1.10
N SER C 37 -1.37 -8.97 -0.50
CA SER C 37 -0.72 -7.91 -1.26
C SER C 37 0.64 -8.35 -1.82
N SER C 38 1.13 -9.49 -1.35
CA SER C 38 2.41 -10.03 -1.82
C SER C 38 2.30 -10.82 -3.12
N LEU C 39 1.07 -11.13 -3.52
CA LEU C 39 0.85 -12.14 -4.56
C LEU C 39 0.71 -11.56 -5.97
N ASN C 40 1.13 -12.33 -6.96
CA ASN C 40 0.90 -11.99 -8.37
C ASN C 40 -0.46 -12.51 -8.80
N TYR C 41 -0.82 -12.32 -10.07
CA TYR C 41 -2.13 -12.78 -10.55
C TYR C 41 -2.27 -14.31 -10.50
N TYR C 42 -1.17 -15.04 -10.37
CA TYR C 42 -1.25 -16.50 -10.34
C TYR C 42 -1.42 -17.03 -8.91
N GLY C 43 -1.48 -16.12 -7.94
CA GLY C 43 -1.70 -16.48 -6.54
C GLY C 43 -0.46 -16.91 -5.79
N ASN C 44 0.71 -16.74 -6.40
CA ASN C 44 1.99 -16.97 -5.74
C ASN C 44 2.70 -15.67 -5.42
N ALA C 45 3.63 -15.73 -4.47
CA ALA C 45 4.46 -14.57 -4.16
C ALA C 45 5.11 -14.00 -5.41
N HIS C 46 4.85 -12.72 -5.66
CA HIS C 46 5.31 -12.01 -6.85
C HIS C 46 6.85 -11.96 -6.86
N GLY C 47 7.44 -12.13 -8.04
CA GLY C 47 8.90 -12.07 -8.18
C GLY C 47 9.47 -10.75 -7.68
N GLY C 48 8.73 -9.68 -7.94
CA GLY C 48 9.14 -8.35 -7.51
C GLY C 48 9.03 -8.19 -6.00
N TYR C 49 8.04 -8.85 -5.41
CA TYR C 49 7.88 -8.85 -3.95
C TYR C 49 9.09 -9.51 -3.29
N LEU C 50 9.44 -10.70 -3.76
CA LEU C 50 10.58 -11.45 -3.23
C LEU C 50 11.87 -10.68 -3.41
N PHE C 51 12.06 -10.13 -4.60
CA PHE C 51 13.24 -9.31 -4.84
C PHE C 51 13.29 -8.13 -3.88
N THR C 52 12.15 -7.47 -3.69
CA THR C 52 12.11 -6.30 -2.81
C THR C 52 12.53 -6.68 -1.39
N LEU C 53 12.09 -7.85 -0.95
CA LEU C 53 12.53 -8.38 0.33
C LEU C 53 14.05 -8.44 0.38
N CYS C 54 14.63 -9.04 -0.67
CA CYS C 54 16.09 -9.17 -0.72
C CYS C 54 16.85 -7.84 -0.77
N ASP C 55 16.36 -6.91 -1.59
CA ASP C 55 16.99 -5.62 -1.79
C ASP C 55 17.01 -4.80 -0.51
N GLN C 56 15.88 -4.82 0.17
CA GLN C 56 15.71 -4.09 1.43
C GLN C 56 16.62 -4.72 2.48
N ILE C 57 16.75 -6.04 2.51
CA ILE C 57 17.68 -6.63 3.48
C ILE C 57 19.15 -6.30 3.13
N SER C 58 19.46 -6.18 1.84
CA SER C 58 20.78 -5.74 1.41
C SER C 58 21.09 -4.32 1.90
N GLY C 59 20.12 -3.43 1.78
CA GLY C 59 20.26 -2.07 2.27
C GLY C 59 20.47 -2.05 3.78
N LEU C 60 19.77 -2.95 4.45
CA LEU C 60 19.89 -3.09 5.91
C LEU C 60 21.30 -3.52 6.29
N VAL C 61 21.86 -4.45 5.52
CA VAL C 61 23.25 -4.88 5.71
C VAL C 61 24.19 -3.69 5.57
N VAL C 62 23.98 -2.91 4.51
CA VAL C 62 24.77 -1.69 4.29
C VAL C 62 24.72 -0.80 5.53
N ILE C 63 23.51 -0.57 6.05
CA ILE C 63 23.34 0.28 7.23
C ILE C 63 24.06 -0.30 8.45
N SER C 64 23.95 -1.60 8.65
CA SER C 64 24.60 -2.29 9.76
C SER C 64 26.13 -2.21 9.65
N LEU C 65 26.63 -1.91 8.45
CA LEU C 65 28.08 -1.71 8.31
C LEU C 65 28.45 -0.25 8.61
N GLY C 66 27.46 0.54 9.01
CA GLY C 66 27.65 1.94 9.33
C GLY C 66 27.80 2.79 8.09
N LEU C 67 27.24 2.32 6.98
CA LEU C 67 27.33 3.02 5.71
C LEU C 67 25.95 3.38 5.17
N ASP C 68 25.93 4.39 4.31
CA ASP C 68 24.78 4.66 3.47
C ASP C 68 25.15 4.34 2.04
N GLY C 69 24.21 3.72 1.32
CA GLY C 69 24.49 3.21 0.01
C GLY C 69 23.27 3.00 -0.84
N VAL C 70 23.53 2.74 -2.12
CA VAL C 70 22.50 2.60 -3.13
C VAL C 70 22.72 1.29 -3.90
N THR C 71 21.64 0.63 -4.31
CA THR C 71 21.80 -0.59 -5.09
C THR C 71 22.31 -0.26 -6.48
N LEU C 72 23.44 -0.85 -6.84
CA LEU C 72 24.03 -0.64 -8.17
C LEU C 72 23.59 -1.72 -9.15
N GLN C 73 23.63 -2.98 -8.71
CA GLN C 73 23.31 -4.09 -9.59
C GLN C 73 22.80 -5.26 -8.76
N SER C 74 21.93 -6.09 -9.32
CA SER C 74 21.51 -7.29 -8.61
C SER C 74 21.18 -8.44 -9.54
N SER C 75 21.49 -9.65 -9.09
CA SER C 75 21.10 -10.85 -9.82
C SER C 75 20.33 -11.73 -8.86
N ILE C 76 19.24 -12.33 -9.32
CA ILE C 76 18.43 -13.16 -8.44
C ILE C 76 17.96 -14.44 -9.13
N ASN C 77 18.01 -15.53 -8.39
CA ASN C 77 17.45 -16.81 -8.83
C ASN C 77 16.25 -17.20 -7.98
N TYR C 78 15.16 -17.56 -8.67
CA TYR C 78 13.95 -18.01 -8.03
C TYR C 78 13.88 -19.54 -8.08
N LEU C 79 13.92 -20.15 -6.91
CA LEU C 79 14.11 -21.59 -6.79
C LEU C 79 12.80 -22.32 -6.48
N LYS C 80 12.02 -21.75 -5.58
CA LYS C 80 10.76 -22.36 -5.18
C LYS C 80 9.72 -21.26 -4.93
N ALA C 81 8.49 -21.51 -5.36
CA ALA C 81 7.43 -20.51 -5.25
C ALA C 81 7.14 -20.15 -3.79
N GLY C 82 6.90 -18.88 -3.53
CA GLY C 82 6.42 -18.43 -2.23
C GLY C 82 4.91 -18.50 -2.24
N LYS C 83 4.34 -18.93 -1.12
CA LYS C 83 2.90 -19.13 -1.05
C LYS C 83 2.27 -18.26 0.03
N LEU C 84 0.99 -17.95 -0.14
CA LEU C 84 0.22 -17.25 0.88
C LEU C 84 0.40 -17.93 2.24
N ASP C 85 0.57 -17.13 3.28
CA ASP C 85 0.76 -17.58 4.68
C ASP C 85 2.14 -18.17 4.97
N ASP C 86 2.99 -18.30 3.96
CA ASP C 86 4.38 -18.66 4.21
C ASP C 86 5.04 -17.64 5.12
N VAL C 87 5.87 -18.11 6.05
CA VAL C 87 6.72 -17.22 6.81
C VAL C 87 8.11 -17.30 6.18
N LEU C 88 8.56 -16.18 5.62
CA LEU C 88 9.84 -16.13 4.95
C LEU C 88 10.90 -15.53 5.84
N THR C 89 12.04 -16.20 5.86
CA THR C 89 13.23 -15.74 6.54
C THR C 89 14.23 -15.24 5.51
N ILE C 90 14.57 -13.97 5.65
CA ILE C 90 15.47 -13.26 4.74
C ILE C 90 16.80 -12.99 5.43
N LYS C 91 17.83 -13.64 4.93
CA LYS C 91 19.18 -13.56 5.48
C LYS C 91 20.12 -12.78 4.56
N GLY C 92 20.73 -11.73 5.09
CA GLY C 92 21.65 -10.92 4.34
C GLY C 92 23.03 -10.95 4.95
N GLU C 93 24.04 -11.03 4.09
CA GLU C 93 25.43 -11.04 4.52
C GLU C 93 26.32 -10.25 3.60
N CYS C 94 27.21 -9.44 4.15
CA CYS C 94 28.24 -8.81 3.35
C CYS C 94 29.35 -9.83 3.07
N VAL C 95 29.66 -10.04 1.80
CA VAL C 95 30.72 -10.99 1.45
C VAL C 95 31.96 -10.29 0.89
N HIS C 96 31.85 -8.99 0.62
CA HIS C 96 32.99 -8.18 0.23
C HIS C 96 32.68 -6.70 0.46
N GLN C 97 33.51 -6.03 1.26
CA GLN C 97 33.36 -4.60 1.48
C GLN C 97 34.51 -3.77 0.94
N GLY C 98 34.25 -3.05 -0.14
CA GLY C 98 35.25 -2.18 -0.73
C GLY C 98 34.99 -0.72 -0.37
N ARG C 99 35.77 0.18 -0.94
CA ARG C 99 35.60 1.62 -0.67
C ARG C 99 34.38 2.21 -1.34
N THR C 100 34.07 1.76 -2.53
CA THR C 100 32.97 2.38 -3.26
C THR C 100 31.85 1.39 -3.52
N THR C 101 32.18 0.11 -3.46
CA THR C 101 31.20 -0.93 -3.68
C THR C 101 31.29 -2.01 -2.62
N CYS C 102 30.14 -2.62 -2.37
CA CYS C 102 30.04 -3.77 -1.48
C CYS C 102 29.26 -4.86 -2.19
N VAL C 103 29.53 -6.12 -1.86
CA VAL C 103 28.76 -7.20 -2.44
C VAL C 103 28.07 -7.98 -1.32
N MET C 104 26.74 -8.09 -1.42
CA MET C 104 25.92 -8.79 -0.44
C MET C 104 25.31 -10.05 -1.02
N ASP C 105 25.31 -11.11 -0.24
CA ASP C 105 24.53 -12.31 -0.56
C ASP C 105 23.24 -12.28 0.28
N VAL C 106 22.10 -12.51 -0.36
CA VAL C 106 20.83 -12.57 0.35
C VAL C 106 20.08 -13.85 0.01
N ASP C 107 19.60 -14.56 1.03
CA ASP C 107 18.86 -15.79 0.83
C ASP C 107 17.47 -15.70 1.47
N ILE C 108 16.47 -16.24 0.78
CA ILE C 108 15.15 -16.35 1.36
C ILE C 108 14.74 -17.81 1.44
N THR C 109 14.38 -18.23 2.66
CA THR C 109 13.91 -19.58 2.95
C THR C 109 12.53 -19.54 3.59
N ASN C 110 11.74 -20.60 3.45
CA ASN C 110 10.41 -20.61 4.06
C ASN C 110 10.39 -21.32 5.42
N GLN C 111 9.20 -21.41 6.02
CA GLN C 111 9.05 -21.96 7.37
C GLN C 111 9.43 -23.45 7.44
N GLU C 112 9.45 -24.12 6.30
CA GLU C 112 9.83 -25.53 6.25
C GLU C 112 11.32 -25.66 5.97
N GLY C 113 12.02 -24.53 5.98
CA GLY C 113 13.44 -24.54 5.72
C GLY C 113 13.79 -24.72 4.25
N ARG C 114 12.78 -24.63 3.39
CA ARG C 114 13.02 -24.76 1.96
C ARG C 114 13.50 -23.43 1.38
N ASN C 115 14.50 -23.51 0.52
CA ASN C 115 15.05 -22.34 -0.16
C ASN C 115 14.07 -21.75 -1.17
N VAL C 116 13.73 -20.48 -1.01
CA VAL C 116 12.79 -19.84 -1.92
C VAL C 116 13.53 -19.08 -3.01
N CYS C 117 14.50 -18.25 -2.62
CA CYS C 117 15.27 -17.57 -3.67
C CYS C 117 16.62 -17.09 -3.17
N LYS C 118 17.52 -16.80 -4.09
CA LYS C 118 18.88 -16.38 -3.73
C LYS C 118 19.37 -15.25 -4.62
N ALA C 119 19.92 -14.21 -4.02
CA ALA C 119 20.32 -13.04 -4.78
C ALA C 119 21.69 -12.52 -4.38
N THR C 120 22.30 -11.81 -5.32
CA THR C 120 23.56 -11.13 -5.09
C THR C 120 23.37 -9.66 -5.44
N PHE C 121 23.84 -8.79 -4.55
CA PHE C 121 23.71 -7.36 -4.71
C PHE C 121 25.07 -6.65 -4.74
N THR C 122 25.27 -5.82 -5.75
CA THR C 122 26.39 -4.90 -5.77
C THR C 122 25.84 -3.55 -5.36
N MET C 123 26.30 -3.07 -4.21
CA MET C 123 25.82 -1.83 -3.62
C MET C 123 26.88 -0.76 -3.80
N PHE C 124 26.44 0.45 -4.14
CA PHE C 124 27.34 1.58 -4.28
C PHE C 124 27.31 2.42 -3.00
N VAL C 125 28.46 2.57 -2.36
CA VAL C 125 28.53 3.31 -1.11
C VAL C 125 28.44 4.81 -1.37
N THR C 126 27.49 5.47 -0.72
CA THR C 126 27.25 6.88 -0.96
C THR C 126 27.66 7.70 0.24
N GLY C 127 27.99 7.04 1.34
CA GLY C 127 28.48 7.76 2.49
C GLY C 127 28.61 6.98 3.78
N GLN C 128 28.89 7.68 4.87
CA GLN C 128 29.01 7.08 6.17
C GLN C 128 27.83 7.45 7.06
N ARG C 129 27.71 6.84 8.23
CA ARG C 129 26.59 7.15 9.12
C ARG C 129 26.95 8.08 10.28
N PHE D 7 -6.81 14.75 -12.73
CA PHE D 7 -6.45 15.09 -11.36
C PHE D 7 -6.02 13.82 -10.61
N HIS D 8 -4.73 13.70 -10.32
CA HIS D 8 -4.21 12.52 -9.62
C HIS D 8 -4.11 12.67 -8.10
N PHE D 9 -4.38 11.58 -7.38
CA PHE D 9 -4.08 11.51 -5.94
C PHE D 9 -3.63 10.10 -5.57
N ASP D 10 -2.78 10.01 -4.54
CA ASP D 10 -2.19 8.74 -4.10
C ASP D 10 -3.14 7.80 -3.38
N ALA D 11 -2.81 6.51 -3.41
CA ALA D 11 -3.54 5.51 -2.63
C ALA D 11 -3.29 5.70 -1.13
N ILE D 12 -4.33 5.48 -0.32
CA ILE D 12 -4.22 5.57 1.13
C ILE D 12 -4.15 4.17 1.77
N SER D 13 -3.04 3.86 2.43
CA SER D 13 -2.94 2.61 3.19
C SER D 13 -3.08 2.75 4.71
N ALA D 14 -3.72 1.77 5.34
CA ALA D 14 -3.85 1.71 6.79
C ALA D 14 -3.27 0.40 7.35
N PHE D 15 -2.75 0.47 8.58
CA PHE D 15 -2.12 -0.69 9.24
C PHE D 15 -1.01 -1.39 8.47
N GLU D 16 -0.09 -0.59 7.92
CA GLU D 16 1.14 -1.11 7.35
C GLU D 16 2.11 -1.37 8.49
N ASN D 17 1.76 -0.84 9.66
CA ASN D 17 2.46 -1.13 10.90
C ASN D 17 1.49 -0.91 12.05
N TYR D 18 1.59 -1.75 13.08
CA TYR D 18 0.78 -1.59 14.29
C TYR D 18 1.30 -2.49 15.41
N GLU D 19 0.89 -2.18 16.63
CA GLU D 19 1.17 -3.03 17.78
C GLU D 19 -0.09 -3.16 18.61
N ILE D 20 -0.55 -4.39 18.80
CA ILE D 20 -1.66 -4.64 19.70
C ILE D 20 -1.16 -4.76 21.13
N GLU D 21 -1.35 -3.70 21.92
CA GLU D 21 -0.90 -3.69 23.30
C GLU D 21 -1.91 -4.38 24.21
N LYS D 22 -3.18 -4.27 23.87
CA LYS D 22 -4.25 -4.84 24.67
C LYS D 22 -5.42 -5.24 23.78
N MET D 23 -5.99 -6.42 24.04
CA MET D 23 -7.17 -6.87 23.32
C MET D 23 -7.89 -7.95 24.13
N ARG D 24 -8.71 -7.51 25.08
CA ARG D 24 -9.39 -8.43 25.98
C ARG D 24 -10.67 -7.88 26.58
N ASP D 25 -11.74 -8.67 26.48
CA ASP D 25 -13.00 -8.42 27.17
C ASP D 25 -13.58 -7.04 26.90
N GLY D 26 -13.68 -6.68 25.62
CA GLY D 26 -14.29 -5.43 25.24
C GLY D 26 -13.39 -4.22 25.35
N HIS D 27 -12.11 -4.46 25.58
CA HIS D 27 -11.14 -3.37 25.65
C HIS D 27 -9.93 -3.62 24.76
N VAL D 28 -9.64 -2.66 23.88
CA VAL D 28 -8.58 -2.82 22.90
C VAL D 28 -7.71 -1.58 22.89
N VAL D 29 -6.40 -1.78 22.90
CA VAL D 29 -5.44 -0.70 22.73
C VAL D 29 -4.44 -1.06 21.65
N VAL D 30 -4.37 -0.24 20.60
CA VAL D 30 -3.44 -0.47 19.51
C VAL D 30 -2.63 0.78 19.24
N THR D 31 -1.34 0.65 18.96
CA THR D 31 -0.55 1.81 18.58
C THR D 31 -0.09 1.65 17.14
N THR D 32 0.16 2.76 16.46
CA THR D 32 0.62 2.71 15.09
C THR D 32 1.37 3.98 14.74
N LYS D 33 2.27 3.90 13.76
CA LYS D 33 3.00 5.09 13.35
C LYS D 33 2.48 5.65 12.04
N VAL D 34 2.21 6.96 12.03
CA VAL D 34 1.78 7.63 10.83
C VAL D 34 2.94 7.64 9.84
N VAL D 35 2.71 7.07 8.66
CA VAL D 35 3.73 7.02 7.63
C VAL D 35 3.24 7.71 6.37
N ASN D 36 4.06 7.71 5.32
CA ASN D 36 3.75 8.46 4.11
C ASN D 36 2.47 7.96 3.42
N SER D 37 2.21 6.66 3.50
CA SER D 37 1.01 6.07 2.92
C SER D 37 -0.25 6.44 3.70
N SER D 38 -0.07 7.01 4.89
CA SER D 38 -1.18 7.45 5.73
C SER D 38 -1.73 8.83 5.35
N LEU D 39 -0.99 9.54 4.51
CA LEU D 39 -1.23 10.98 4.34
C LEU D 39 -2.16 11.35 3.18
N ASN D 40 -2.89 12.44 3.35
CA ASN D 40 -3.67 12.99 2.25
C ASN D 40 -2.80 13.91 1.40
N TYR D 41 -3.40 14.53 0.39
CA TYR D 41 -2.66 15.40 -0.51
C TYR D 41 -2.08 16.63 0.20
N TYR D 42 -2.57 16.96 1.41
CA TYR D 42 -2.02 18.11 2.13
C TYR D 42 -0.89 17.72 3.08
N GLY D 43 -0.51 16.44 3.11
CA GLY D 43 0.57 15.99 3.97
C GLY D 43 0.14 15.71 5.40
N ASN D 44 -1.18 15.69 5.63
CA ASN D 44 -1.74 15.28 6.92
C ASN D 44 -2.34 13.89 6.84
N ALA D 45 -2.47 13.23 7.98
CA ALA D 45 -3.12 11.93 8.06
C ALA D 45 -4.51 11.99 7.43
N HIS D 46 -4.73 11.14 6.44
CA HIS D 46 -5.98 11.13 5.69
C HIS D 46 -7.14 10.81 6.62
N GLY D 47 -8.28 11.46 6.41
CA GLY D 47 -9.47 11.20 7.21
C GLY D 47 -9.92 9.76 7.18
N GLY D 48 -9.80 9.14 6.00
CA GLY D 48 -10.17 7.76 5.81
C GLY D 48 -9.20 6.83 6.54
N TYR D 49 -7.94 7.25 6.60
CA TYR D 49 -6.94 6.50 7.33
C TYR D 49 -7.27 6.44 8.83
N LEU D 50 -7.54 7.61 9.40
CA LEU D 50 -7.90 7.71 10.81
C LEU D 50 -9.17 6.91 11.11
N PHE D 51 -10.17 7.08 10.24
CA PHE D 51 -11.41 6.33 10.40
C PHE D 51 -11.12 4.83 10.37
N THR D 52 -10.27 4.41 9.44
CA THR D 52 -9.96 2.99 9.30
C THR D 52 -9.30 2.44 10.56
N LEU D 53 -8.42 3.25 11.15
CA LEU D 53 -7.84 2.88 12.44
C LEU D 53 -8.96 2.61 13.45
N CYS D 54 -9.90 3.55 13.53
CA CYS D 54 -11.01 3.39 14.47
C CYS D 54 -11.93 2.20 14.19
N ASP D 55 -12.26 1.98 12.92
CA ASP D 55 -13.19 0.92 12.52
C ASP D 55 -12.59 -0.44 12.79
N GLN D 56 -11.30 -0.57 12.46
CA GLN D 56 -10.58 -1.80 12.72
C GLN D 56 -10.48 -2.11 14.20
N ILE D 57 -10.20 -1.09 15.01
CA ILE D 57 -10.10 -1.35 16.45
C ILE D 57 -11.49 -1.73 17.00
N SER D 58 -12.54 -1.15 16.42
CA SER D 58 -13.91 -1.51 16.78
C SER D 58 -14.19 -3.00 16.49
N GLY D 59 -13.75 -3.47 15.33
CA GLY D 59 -13.88 -4.87 14.98
C GLY D 59 -13.10 -5.74 15.95
N LEU D 60 -11.95 -5.23 16.37
CA LEU D 60 -11.11 -5.93 17.33
C LEU D 60 -11.84 -6.08 18.65
N VAL D 61 -12.57 -5.04 19.05
CA VAL D 61 -13.40 -5.10 20.26
C VAL D 61 -14.44 -6.21 20.15
N VAL D 62 -15.14 -6.22 19.01
CA VAL D 62 -16.13 -7.28 18.77
C VAL D 62 -15.52 -8.66 18.95
N ILE D 63 -14.37 -8.88 18.31
CA ILE D 63 -13.70 -10.16 18.38
C ILE D 63 -13.28 -10.50 19.81
N SER D 64 -12.78 -9.50 20.53
CA SER D 64 -12.36 -9.68 21.92
C SER D 64 -13.53 -10.05 22.81
N LEU D 65 -14.74 -9.75 22.38
CA LEU D 65 -15.93 -10.16 23.12
C LEU D 65 -16.37 -11.56 22.69
N GLY D 66 -15.59 -12.17 21.81
CA GLY D 66 -15.87 -13.50 21.31
C GLY D 66 -16.97 -13.49 20.27
N LEU D 67 -17.14 -12.36 19.58
CA LEU D 67 -18.20 -12.21 18.59
C LEU D 67 -17.65 -11.91 17.21
N ASP D 68 -18.46 -12.23 16.21
CA ASP D 68 -18.24 -11.79 14.85
C ASP D 68 -19.31 -10.78 14.51
N GLY D 69 -18.91 -9.72 13.80
CA GLY D 69 -19.80 -8.62 13.53
C GLY D 69 -19.39 -7.77 12.36
N VAL D 70 -20.32 -6.91 11.95
CA VAL D 70 -20.15 -6.05 10.81
C VAL D 70 -20.47 -4.61 11.22
N THR D 71 -19.74 -3.63 10.65
CA THR D 71 -20.01 -2.23 10.97
C THR D 71 -21.35 -1.79 10.36
N LEU D 72 -22.25 -1.33 11.21
CA LEU D 72 -23.57 -0.87 10.76
C LEU D 72 -23.62 0.64 10.55
N GLN D 73 -23.06 1.39 11.49
CA GLN D 73 -23.12 2.84 11.42
C GLN D 73 -21.94 3.39 12.19
N SER D 74 -21.42 4.54 11.77
CA SER D 74 -20.35 5.16 12.54
C SER D 74 -20.37 6.67 12.42
N SER D 75 -19.97 7.33 13.49
CA SER D 75 -19.82 8.78 13.48
C SER D 75 -18.41 9.09 13.97
N ILE D 76 -17.76 10.05 13.34
CA ILE D 76 -16.40 10.40 13.73
C ILE D 76 -16.18 11.91 13.72
N ASN D 77 -15.50 12.40 14.76
CA ASN D 77 -15.04 13.78 14.82
C ASN D 77 -13.53 13.85 14.73
N TYR D 78 -13.04 14.70 13.84
CA TYR D 78 -11.61 14.92 13.67
C TYR D 78 -11.23 16.17 14.44
N LEU D 79 -10.41 16.00 15.47
CA LEU D 79 -10.17 17.05 16.46
C LEU D 79 -8.86 17.77 16.19
N LYS D 80 -7.83 16.98 15.91
CA LYS D 80 -6.51 17.51 15.65
C LYS D 80 -5.85 16.70 14.56
N ALA D 81 -5.12 17.36 13.68
CA ALA D 81 -4.48 16.70 12.55
C ALA D 81 -3.47 15.66 13.02
N GLY D 82 -3.43 14.55 12.31
CA GLY D 82 -2.37 13.59 12.52
C GLY D 82 -1.23 14.00 11.62
N LYS D 83 -0.01 13.88 12.11
CA LYS D 83 1.14 14.34 11.35
C LYS D 83 2.08 13.18 11.10
N LEU D 84 2.85 13.28 10.02
CA LEU D 84 3.89 12.30 9.72
C LEU D 84 4.76 12.04 10.95
N ASP D 85 5.04 10.77 11.20
CA ASP D 85 5.87 10.30 12.31
C ASP D 85 5.18 10.34 13.67
N ASP D 86 3.95 10.85 13.73
CA ASP D 86 3.16 10.72 14.95
C ASP D 86 2.97 9.25 15.33
N VAL D 87 3.05 8.97 16.62
CA VAL D 87 2.64 7.66 17.11
C VAL D 87 1.25 7.82 17.68
N LEU D 88 0.29 7.14 17.06
CA LEU D 88 -1.10 7.23 17.48
C LEU D 88 -1.51 6.02 18.32
N THR D 89 -2.18 6.31 19.41
CA THR D 89 -2.76 5.30 20.27
C THR D 89 -4.28 5.30 20.08
N ILE D 90 -4.78 4.13 19.69
CA ILE D 90 -6.19 3.89 19.41
C ILE D 90 -6.80 3.02 20.48
N LYS D 91 -7.70 3.60 21.29
CA LYS D 91 -8.36 2.86 22.35
C LYS D 91 -9.83 2.66 22.03
N GLY D 92 -10.27 1.41 22.01
CA GLY D 92 -11.66 1.09 21.77
C GLY D 92 -12.26 0.32 22.92
N GLU D 93 -13.49 0.65 23.30
CA GLU D 93 -14.18 -0.12 24.32
C GLU D 93 -15.66 -0.21 24.00
N CYS D 94 -16.24 -1.38 24.28
CA CYS D 94 -17.67 -1.56 24.15
C CYS D 94 -18.38 -0.86 25.30
N VAL D 95 -19.33 0.02 24.98
CA VAL D 95 -20.08 0.76 25.98
C VAL D 95 -21.52 0.28 26.08
N HIS D 96 -21.92 -0.58 25.15
CA HIS D 96 -23.25 -1.18 25.21
C HIS D 96 -23.31 -2.44 24.35
N GLN D 97 -23.69 -3.56 24.94
CA GLN D 97 -23.88 -4.78 24.17
C GLN D 97 -25.35 -5.15 24.16
N GLY D 98 -25.96 -5.02 22.98
CA GLY D 98 -27.36 -5.32 22.80
C GLY D 98 -27.49 -6.74 22.29
N ARG D 99 -28.70 -7.13 21.88
CA ARG D 99 -28.91 -8.51 21.46
C ARG D 99 -28.26 -8.82 20.11
N THR D 100 -28.36 -7.86 19.18
CA THR D 100 -27.81 -8.04 17.83
C THR D 100 -26.79 -6.95 17.50
N THR D 101 -26.74 -5.93 18.34
CA THR D 101 -25.84 -4.80 18.10
C THR D 101 -24.94 -4.48 19.29
N CYS D 102 -23.79 -3.91 18.99
CA CYS D 102 -22.87 -3.41 20.00
C CYS D 102 -22.49 -1.98 19.69
N VAL D 103 -22.19 -1.19 20.72
CA VAL D 103 -21.74 0.17 20.47
C VAL D 103 -20.36 0.37 21.07
N MET D 104 -19.42 0.82 20.23
CA MET D 104 -18.05 1.04 20.64
C MET D 104 -17.71 2.52 20.69
N ASP D 105 -16.98 2.90 21.72
CA ASP D 105 -16.35 4.20 21.78
C ASP D 105 -14.89 4.01 21.38
N VAL D 106 -14.41 4.83 20.45
CA VAL D 106 -13.01 4.76 20.04
C VAL D 106 -12.35 6.13 20.09
N ASP D 107 -11.17 6.20 20.70
CA ASP D 107 -10.42 7.45 20.78
C ASP D 107 -9.04 7.28 20.18
N ILE D 108 -8.59 8.29 19.44
CA ILE D 108 -7.22 8.31 18.98
C ILE D 108 -6.52 9.53 19.56
N THR D 109 -5.41 9.25 20.23
CA THR D 109 -4.56 10.29 20.81
C THR D 109 -3.15 10.17 20.26
N ASN D 110 -2.40 11.27 20.26
CA ASN D 110 -1.03 11.20 19.75
C ASN D 110 -0.01 11.01 20.88
N GLN D 111 1.27 11.00 20.52
CA GLN D 111 2.35 10.74 21.47
C GLN D 111 2.45 11.81 22.55
N GLU D 112 1.84 12.96 22.28
CA GLU D 112 1.81 14.06 23.24
C GLU D 112 0.57 14.03 24.13
N GLY D 113 -0.21 12.96 23.99
CA GLY D 113 -1.42 12.80 24.79
C GLY D 113 -2.58 13.66 24.33
N ARG D 114 -2.42 14.29 23.18
CA ARG D 114 -3.47 15.15 22.63
C ARG D 114 -4.50 14.33 21.86
N ASN D 115 -5.77 14.69 22.02
CA ASN D 115 -6.85 14.01 21.31
C ASN D 115 -6.81 14.30 19.81
N VAL D 116 -6.72 13.24 19.01
CA VAL D 116 -6.66 13.39 17.56
C VAL D 116 -8.03 13.20 16.94
N CYS D 117 -8.72 12.14 17.33
CA CYS D 117 -10.11 12.00 16.85
C CYS D 117 -10.94 11.10 17.74
N LYS D 118 -12.26 11.21 17.61
CA LYS D 118 -13.17 10.46 18.46
C LYS D 118 -14.33 9.91 17.66
N ALA D 119 -14.61 8.62 17.81
CA ALA D 119 -15.63 7.98 17.01
C ALA D 119 -16.53 7.08 17.82
N THR D 120 -17.74 6.87 17.31
CA THR D 120 -18.69 5.94 17.88
C THR D 120 -19.11 4.98 16.78
N PHE D 121 -19.09 3.69 17.08
CA PHE D 121 -19.46 2.65 16.12
C PHE D 121 -20.62 1.81 16.59
N THR D 122 -21.62 1.66 15.73
CA THR D 122 -22.68 0.68 15.96
C THR D 122 -22.39 -0.51 15.05
N MET D 123 -22.13 -1.63 15.69
CA MET D 123 -21.75 -2.86 15.02
C MET D 123 -22.92 -3.83 15.07
N PHE D 124 -23.13 -4.53 13.96
CA PHE D 124 -24.14 -5.58 13.89
C PHE D 124 -23.50 -6.94 14.14
N VAL D 125 -23.97 -7.63 15.17
CA VAL D 125 -23.40 -8.93 15.53
C VAL D 125 -23.88 -9.96 14.53
N THR D 126 -22.95 -10.66 13.90
CA THR D 126 -23.30 -11.60 12.84
C THR D 126 -23.10 -13.02 13.32
N GLY D 127 -22.48 -13.18 14.49
CA GLY D 127 -22.35 -14.50 15.04
C GLY D 127 -21.41 -14.66 16.21
N GLN D 128 -21.25 -15.91 16.65
CA GLN D 128 -20.39 -16.21 17.78
C GLN D 128 -19.14 -16.98 17.38
N ARG D 129 -17.99 -16.46 17.75
CA ARG D 129 -16.74 -17.10 17.45
C ARG D 129 -16.54 -18.38 18.23
N SER D 130 -15.68 -19.22 17.70
CA SER D 130 -15.33 -20.52 18.28
C SER D 130 -14.35 -20.47 19.42
N SER E 1 -56.62 9.67 11.06
CA SER E 1 -55.59 8.67 11.23
C SER E 1 -55.62 8.04 12.61
N ASN E 2 -56.75 7.43 12.92
CA ASN E 2 -56.95 6.73 14.15
C ASN E 2 -55.95 5.57 14.22
N ALA E 3 -55.55 5.06 13.07
CA ALA E 3 -54.58 3.98 12.97
C ALA E 3 -53.21 4.32 13.53
N MET E 4 -52.94 5.58 13.72
CA MET E 4 -51.67 6.00 14.32
C MET E 4 -51.89 6.96 15.48
N LYS E 5 -52.87 6.63 16.33
CA LYS E 5 -53.20 7.49 17.46
C LYS E 5 -51.99 7.67 18.37
N ASP E 6 -51.09 6.69 18.39
CA ASP E 6 -49.89 6.78 19.21
C ASP E 6 -49.08 7.99 18.74
N PHE E 7 -48.90 8.12 17.43
CA PHE E 7 -48.23 9.30 16.91
C PHE E 7 -48.92 10.58 17.35
N HIS E 8 -50.25 10.57 17.30
CA HIS E 8 -50.99 11.79 17.57
C HIS E 8 -50.87 12.16 19.03
N PHE E 9 -50.58 11.16 19.86
CA PHE E 9 -50.30 11.43 21.25
C PHE E 9 -48.95 12.14 21.34
N ASP E 10 -47.93 11.52 20.76
CA ASP E 10 -46.57 12.04 20.90
C ASP E 10 -46.41 13.36 20.17
N ALA E 11 -47.17 13.53 19.09
CA ALA E 11 -47.14 14.77 18.33
C ALA E 11 -47.63 15.96 19.14
N ILE E 12 -48.50 15.74 20.13
CA ILE E 12 -49.00 16.92 20.84
C ILE E 12 -48.04 17.23 21.98
N SER E 13 -46.90 16.55 21.94
CA SER E 13 -45.78 16.88 22.80
C SER E 13 -44.70 17.62 22.00
N ALA E 14 -44.72 17.49 20.68
CA ALA E 14 -43.65 18.06 19.86
C ALA E 14 -44.10 19.16 18.91
N PHE E 15 -45.41 19.31 18.77
CA PHE E 15 -45.97 20.31 17.87
C PHE E 15 -47.06 21.10 18.58
N GLU E 16 -46.98 22.42 18.55
CA GLU E 16 -48.15 23.19 18.96
C GLU E 16 -49.06 23.25 17.75
N ASN E 17 -48.47 22.96 16.59
CA ASN E 17 -49.22 22.88 15.34
C ASN E 17 -48.48 22.04 14.31
N TYR E 18 -49.23 21.33 13.46
CA TYR E 18 -48.63 20.59 12.35
C TYR E 18 -49.67 20.18 11.32
N GLU E 19 -49.23 19.97 10.09
CA GLU E 19 -50.07 19.42 9.04
C GLU E 19 -49.31 18.40 8.20
N ILE E 20 -49.84 17.19 8.10
CA ILE E 20 -49.26 16.17 7.24
C ILE E 20 -49.70 16.36 5.79
N GLU E 21 -48.79 16.88 4.97
CA GLU E 21 -49.07 17.10 3.56
C GLU E 21 -48.95 15.81 2.75
N LYS E 22 -48.07 14.94 3.20
CA LYS E 22 -47.80 13.70 2.49
C LYS E 22 -47.37 12.58 3.42
N MET E 23 -47.88 11.39 3.16
CA MET E 23 -47.49 10.21 3.93
C MET E 23 -47.75 8.93 3.15
N ARG E 24 -46.78 8.53 2.34
CA ARG E 24 -46.96 7.34 1.54
C ARG E 24 -45.66 6.59 1.24
N ASP E 25 -45.63 5.33 1.67
CA ASP E 25 -44.60 4.36 1.30
C ASP E 25 -43.16 4.86 1.47
N GLY E 26 -42.85 5.30 2.68
CA GLY E 26 -41.49 5.73 2.99
C GLY E 26 -41.22 7.17 2.62
N HIS E 27 -42.27 7.91 2.29
CA HIS E 27 -42.15 9.34 1.99
C HIS E 27 -43.14 10.13 2.81
N VAL E 28 -42.63 11.10 3.55
CA VAL E 28 -43.44 11.89 4.46
C VAL E 28 -43.12 13.36 4.30
N VAL E 29 -44.16 14.19 4.24
CA VAL E 29 -43.97 15.63 4.26
C VAL E 29 -44.88 16.21 5.33
N VAL E 30 -44.29 16.91 6.29
CA VAL E 30 -45.06 17.54 7.36
C VAL E 30 -44.67 19.00 7.44
N THR E 31 -45.63 19.89 7.64
CA THR E 31 -45.30 21.29 7.83
C THR E 31 -45.67 21.71 9.24
N THR E 32 -44.97 22.72 9.75
CA THR E 32 -45.26 23.23 11.09
C THR E 32 -44.81 24.68 11.17
N LYS E 33 -45.41 25.47 12.05
CA LYS E 33 -44.99 26.86 12.19
C LYS E 33 -44.22 27.05 13.49
N VAL E 34 -43.06 27.70 13.40
CA VAL E 34 -42.25 27.98 14.57
C VAL E 34 -42.96 28.96 15.52
N VAL E 35 -43.09 28.55 16.78
CA VAL E 35 -43.75 29.37 17.78
C VAL E 35 -42.80 29.73 18.92
N ASN E 36 -43.29 30.47 19.91
CA ASN E 36 -42.46 30.96 20.99
C ASN E 36 -41.85 29.84 21.84
N SER E 37 -42.61 28.76 22.01
CA SER E 37 -42.14 27.62 22.78
C SER E 37 -41.05 26.86 22.03
N SER E 38 -40.88 27.18 20.76
CA SER E 38 -39.85 26.56 19.94
C SER E 38 -38.49 27.22 20.14
N LEU E 39 -38.48 28.39 20.76
CA LEU E 39 -37.29 29.24 20.74
C LEU E 39 -36.41 29.08 21.98
N ASN E 40 -35.12 29.26 21.79
CA ASN E 40 -34.17 29.33 22.90
C ASN E 40 -34.11 30.77 23.40
N TYR E 41 -33.22 31.03 24.35
CA TYR E 41 -33.11 32.35 24.97
C TYR E 41 -32.76 33.45 23.97
N TYR E 42 -32.13 33.06 22.86
CA TYR E 42 -31.71 34.01 21.82
C TYR E 42 -32.69 34.19 20.67
N GLY E 43 -33.85 33.55 20.76
CA GLY E 43 -34.86 33.71 19.73
C GLY E 43 -34.69 32.82 18.52
N ASN E 44 -33.83 31.81 18.63
CA ASN E 44 -33.69 30.84 17.56
C ASN E 44 -34.37 29.52 17.91
N ALA E 45 -34.85 28.79 16.91
CA ALA E 45 -35.39 27.45 17.17
C ALA E 45 -34.26 26.63 17.77
N HIS E 46 -34.44 26.17 19.01
CA HIS E 46 -33.38 25.40 19.66
C HIS E 46 -33.20 24.03 19.02
N GLY E 47 -31.96 23.54 19.06
CA GLY E 47 -31.59 22.28 18.46
C GLY E 47 -32.44 21.09 18.85
N GLY E 48 -32.91 21.06 20.09
CA GLY E 48 -33.74 19.95 20.54
C GLY E 48 -35.09 19.93 19.87
N TYR E 49 -35.63 21.12 19.62
CA TYR E 49 -36.89 21.27 18.90
C TYR E 49 -36.79 20.75 17.46
N LEU E 50 -35.77 21.20 16.74
CA LEU E 50 -35.55 20.76 15.37
C LEU E 50 -35.30 19.26 15.30
N PHE E 51 -34.46 18.78 16.21
CA PHE E 51 -34.20 17.35 16.26
C PHE E 51 -35.49 16.57 16.48
N THR E 52 -36.31 17.05 17.40
CA THR E 52 -37.57 16.39 17.72
C THR E 52 -38.50 16.37 16.52
N LEU E 53 -38.52 17.47 15.76
CA LEU E 53 -39.27 17.48 14.50
C LEU E 53 -38.82 16.34 13.58
N CYS E 54 -37.50 16.24 13.39
CA CYS E 54 -36.96 15.20 12.50
C CYS E 54 -37.28 13.79 13.02
N ASP E 55 -37.16 13.60 14.34
CA ASP E 55 -37.40 12.31 14.97
C ASP E 55 -38.85 11.87 14.79
N GLN E 56 -39.75 12.83 14.96
CA GLN E 56 -41.17 12.57 14.82
C GLN E 56 -41.50 12.17 13.37
N ILE E 57 -40.92 12.89 12.41
CA ILE E 57 -41.21 12.56 11.01
C ILE E 57 -40.58 11.21 10.62
N SER E 58 -39.45 10.90 11.22
CA SER E 58 -38.81 9.60 11.02
C SER E 58 -39.75 8.48 11.48
N GLY E 59 -40.38 8.70 12.63
CA GLY E 59 -41.35 7.74 13.14
C GLY E 59 -42.49 7.60 12.15
N LEU E 60 -42.88 8.72 11.54
CA LEU E 60 -43.94 8.69 10.52
C LEU E 60 -43.55 7.86 9.28
N VAL E 61 -42.31 7.98 8.84
CA VAL E 61 -41.82 7.17 7.72
C VAL E 61 -41.95 5.70 8.06
N VAL E 62 -41.49 5.35 9.26
CA VAL E 62 -41.61 3.97 9.75
C VAL E 62 -43.04 3.48 9.65
N ILE E 63 -43.97 4.29 10.16
CA ILE E 63 -45.38 3.92 10.16
C ILE E 63 -45.89 3.74 8.73
N SER E 64 -45.50 4.65 7.85
CA SER E 64 -45.93 4.61 6.45
C SER E 64 -45.42 3.38 5.74
N LEU E 65 -44.36 2.76 6.25
CA LEU E 65 -43.90 1.51 5.65
C LEU E 65 -44.57 0.29 6.30
N GLY E 66 -45.45 0.52 7.26
CA GLY E 66 -46.14 -0.57 7.92
C GLY E 66 -45.26 -1.29 8.92
N LEU E 67 -44.28 -0.59 9.49
CA LEU E 67 -43.33 -1.23 10.39
C LEU E 67 -43.35 -0.68 11.82
N ASP E 68 -42.87 -1.51 12.73
CA ASP E 68 -42.56 -1.13 14.10
C ASP E 68 -41.04 -1.16 14.25
N GLY E 69 -40.47 -0.17 14.91
CA GLY E 69 -39.04 -0.09 15.03
C GLY E 69 -38.54 0.82 16.13
N VAL E 70 -37.25 0.70 16.43
CA VAL E 70 -36.65 1.51 17.48
C VAL E 70 -35.40 2.20 16.93
N THR E 71 -35.24 3.46 17.30
CA THR E 71 -34.07 4.23 16.89
C THR E 71 -32.82 3.78 17.62
N LEU E 72 -31.80 3.39 16.88
CA LEU E 72 -30.53 3.01 17.46
C LEU E 72 -29.62 4.22 17.50
N GLN E 73 -29.64 4.99 16.42
CA GLN E 73 -28.70 6.10 16.30
C GLN E 73 -29.29 7.21 15.46
N SER E 74 -28.87 8.45 15.71
CA SER E 74 -29.29 9.56 14.86
C SER E 74 -28.19 10.60 14.75
N SER E 75 -28.10 11.22 13.58
CA SER E 75 -27.15 12.28 13.30
C SER E 75 -27.86 13.50 12.75
N ILE E 76 -27.47 14.69 13.17
CA ILE E 76 -28.10 15.90 12.65
C ILE E 76 -27.07 17.00 12.40
N ASN E 77 -27.22 17.69 11.27
CA ASN E 77 -26.46 18.88 10.94
C ASN E 77 -27.37 20.10 10.97
N TYR E 78 -26.93 21.15 11.63
CA TYR E 78 -27.66 22.41 11.70
C TYR E 78 -27.10 23.40 10.70
N LEU E 79 -27.93 23.79 9.73
CA LEU E 79 -27.46 24.57 8.60
C LEU E 79 -27.86 26.03 8.71
N LYS E 80 -29.12 26.29 9.06
CA LYS E 80 -29.63 27.65 9.17
C LYS E 80 -30.61 27.77 10.31
N ALA E 81 -30.54 28.86 11.05
CA ALA E 81 -31.39 29.06 12.22
C ALA E 81 -32.88 29.13 11.84
N GLY E 82 -33.72 28.51 12.65
CA GLY E 82 -35.16 28.64 12.51
C GLY E 82 -35.64 29.82 13.32
N LYS E 83 -36.58 30.59 12.78
CA LYS E 83 -37.05 31.80 13.46
C LYS E 83 -38.55 31.74 13.71
N LEU E 84 -39.02 32.52 14.69
CA LEU E 84 -40.46 32.64 14.96
C LEU E 84 -41.29 32.89 13.70
N ASP E 85 -42.39 32.15 13.59
CA ASP E 85 -43.35 32.26 12.48
C ASP E 85 -42.83 31.68 11.16
N ASP E 86 -41.59 31.19 11.16
CA ASP E 86 -41.11 30.42 10.01
C ASP E 86 -42.04 29.24 9.80
N VAL E 87 -42.33 28.94 8.54
CA VAL E 87 -43.03 27.71 8.22
C VAL E 87 -42.00 26.68 7.78
N LEU E 88 -41.86 25.61 8.56
CA LEU E 88 -40.88 24.60 8.26
C LEU E 88 -41.52 23.39 7.59
N THR E 89 -40.87 22.96 6.52
CA THR E 89 -41.24 21.75 5.82
C THR E 89 -40.22 20.67 6.17
N ILE E 90 -40.74 19.60 6.75
CA ILE E 90 -39.98 18.46 7.21
C ILE E 90 -40.28 17.30 6.29
N LYS E 91 -39.27 16.91 5.51
CA LYS E 91 -39.38 15.85 4.53
C LYS E 91 -38.60 14.63 5.00
N GLY E 92 -39.28 13.49 5.11
CA GLY E 92 -38.61 12.27 5.49
C GLY E 92 -38.74 11.26 4.38
N GLU E 93 -37.66 10.52 4.15
CA GLU E 93 -37.68 9.45 3.16
C GLU E 93 -36.86 8.27 3.64
N CYS E 94 -37.37 7.07 3.42
CA CYS E 94 -36.59 5.88 3.69
C CYS E 94 -35.54 5.72 2.61
N VAL E 95 -34.28 5.58 2.98
CA VAL E 95 -33.21 5.43 2.00
C VAL E 95 -32.69 4.00 2.03
N HIS E 96 -33.16 3.25 3.01
CA HIS E 96 -32.87 1.83 3.09
C HIS E 96 -33.91 1.12 3.96
N GLN E 97 -34.60 0.16 3.37
CA GLN E 97 -35.50 -0.68 4.14
C GLN E 97 -34.97 -2.10 4.15
N GLY E 98 -34.39 -2.52 5.27
CA GLY E 98 -33.93 -3.89 5.34
C GLY E 98 -34.94 -4.66 6.16
N ARG E 99 -34.75 -5.95 6.31
CA ARG E 99 -35.66 -6.71 7.12
C ARG E 99 -35.31 -6.49 8.60
N THR E 100 -34.06 -6.11 8.87
CA THR E 100 -33.62 -5.91 10.26
C THR E 100 -33.28 -4.46 10.62
N THR E 101 -32.94 -3.65 9.62
CA THR E 101 -32.65 -2.23 9.89
C THR E 101 -33.30 -1.32 8.85
N CYS E 102 -33.58 -0.09 9.24
CA CYS E 102 -34.02 0.95 8.32
C CYS E 102 -33.17 2.20 8.51
N VAL E 103 -32.96 2.93 7.44
CA VAL E 103 -32.26 4.22 7.50
C VAL E 103 -33.15 5.31 6.91
N MET E 104 -33.41 6.35 7.69
CA MET E 104 -34.25 7.45 7.22
C MET E 104 -33.46 8.74 7.04
N ASP E 105 -33.71 9.45 5.94
CA ASP E 105 -33.23 10.82 5.79
C ASP E 105 -34.36 11.80 6.08
N VAL E 106 -34.07 12.80 6.89
CA VAL E 106 -35.05 13.84 7.16
C VAL E 106 -34.40 15.19 6.92
N ASP E 107 -35.04 16.04 6.13
CA ASP E 107 -34.52 17.36 5.83
C ASP E 107 -35.57 18.40 6.21
N ILE E 108 -35.12 19.49 6.81
CA ILE E 108 -36.00 20.60 7.12
C ILE E 108 -35.57 21.84 6.38
N THR E 109 -36.53 22.40 5.64
CA THR E 109 -36.34 23.63 4.87
C THR E 109 -37.37 24.65 5.33
N ASN E 110 -37.08 25.94 5.15
CA ASN E 110 -38.03 26.97 5.55
C ASN E 110 -38.90 27.43 4.38
N GLN E 111 -39.75 28.42 4.65
CA GLN E 111 -40.71 28.91 3.65
C GLN E 111 -39.99 29.55 2.47
N GLU E 112 -38.72 29.90 2.64
CA GLU E 112 -37.93 30.52 1.60
C GLU E 112 -37.11 29.48 0.81
N GLY E 113 -37.32 28.22 1.12
CA GLY E 113 -36.61 27.13 0.46
C GLY E 113 -35.17 26.91 0.89
N ARG E 114 -34.74 27.59 1.96
CA ARG E 114 -33.39 27.38 2.49
C ARG E 114 -33.32 26.20 3.45
N ASN E 115 -32.20 25.48 3.39
CA ASN E 115 -31.96 24.35 4.27
C ASN E 115 -31.82 24.77 5.72
N VAL E 116 -32.66 24.21 6.58
CA VAL E 116 -32.61 24.55 8.00
C VAL E 116 -31.81 23.48 8.73
N CYS E 117 -32.12 22.22 8.51
CA CYS E 117 -31.30 21.16 9.11
C CYS E 117 -31.43 19.84 8.38
N LYS E 118 -30.49 18.95 8.60
CA LYS E 118 -30.43 17.69 7.88
C LYS E 118 -30.06 16.53 8.80
N ALA E 119 -30.87 15.48 8.80
CA ALA E 119 -30.67 14.40 9.74
C ALA E 119 -30.82 13.00 9.14
N THR E 120 -30.17 12.04 9.79
CA THR E 120 -30.26 10.63 9.44
C THR E 120 -30.59 9.79 10.67
N PHE E 121 -31.51 8.84 10.52
CA PHE E 121 -31.91 7.97 11.62
C PHE E 121 -31.62 6.51 11.28
N THR E 122 -30.91 5.84 12.16
CA THR E 122 -30.68 4.40 12.08
C THR E 122 -31.57 3.65 13.05
N MET E 123 -32.50 2.91 12.48
CA MET E 123 -33.53 2.16 13.19
C MET E 123 -33.42 0.64 13.12
N PHE E 124 -33.75 -0.01 14.24
CA PHE E 124 -33.82 -1.46 14.27
C PHE E 124 -35.28 -1.86 14.10
N VAL E 125 -35.58 -2.68 13.09
CA VAL E 125 -36.96 -3.09 12.84
C VAL E 125 -37.43 -4.12 13.85
N THR E 126 -38.53 -3.83 14.53
CA THR E 126 -39.02 -4.70 15.59
C THR E 126 -40.33 -5.39 15.24
N GLY E 127 -40.94 -5.02 14.11
CA GLY E 127 -42.18 -5.68 13.72
C GLY E 127 -43.00 -5.04 12.61
N GLN E 128 -44.22 -5.53 12.45
CA GLN E 128 -45.17 -4.99 11.48
C GLN E 128 -46.27 -4.18 12.17
N ALA F 3 46.39 4.40 -30.62
CA ALA F 3 45.97 4.75 -29.28
C ALA F 3 45.17 3.62 -28.70
N MET F 4 45.22 2.47 -29.35
CA MET F 4 44.44 1.35 -28.90
C MET F 4 45.23 0.07 -28.76
N LYS F 5 46.50 0.20 -28.46
CA LYS F 5 47.39 -0.95 -28.32
C LYS F 5 46.94 -1.94 -27.27
N ASP F 6 46.34 -1.46 -26.19
CA ASP F 6 45.87 -2.38 -25.16
C ASP F 6 44.74 -3.28 -25.68
N PHE F 7 43.75 -2.69 -26.34
CA PHE F 7 42.71 -3.50 -26.96
C PHE F 7 43.21 -4.48 -28.01
N HIS F 8 44.23 -4.10 -28.78
CA HIS F 8 44.64 -4.97 -29.87
C HIS F 8 45.50 -6.08 -29.32
N PHE F 9 46.25 -5.79 -28.26
CA PHE F 9 46.93 -6.87 -27.55
C PHE F 9 45.93 -7.87 -26.97
N ASP F 10 44.89 -7.39 -26.32
CA ASP F 10 43.95 -8.30 -25.67
C ASP F 10 43.14 -9.11 -26.69
N ALA F 11 42.70 -8.45 -27.75
CA ALA F 11 41.95 -9.10 -28.83
C ALA F 11 42.78 -10.14 -29.57
N ILE F 12 43.98 -9.76 -30.00
CA ILE F 12 44.86 -10.68 -30.71
C ILE F 12 45.28 -11.84 -29.80
N SER F 13 45.37 -11.56 -28.50
CA SER F 13 45.73 -12.60 -27.54
C SER F 13 44.56 -13.52 -27.22
N ALA F 14 43.35 -13.11 -27.56
CA ALA F 14 42.21 -13.97 -27.24
C ALA F 14 41.50 -14.55 -28.46
N PHE F 15 41.62 -13.89 -29.61
CA PHE F 15 40.89 -14.33 -30.79
C PHE F 15 41.82 -14.51 -31.98
N GLU F 16 41.47 -15.44 -32.87
CA GLU F 16 42.24 -15.65 -34.08
C GLU F 16 41.90 -14.68 -35.21
N ASN F 17 40.73 -14.04 -35.11
CA ASN F 17 40.36 -13.01 -36.07
C ASN F 17 39.30 -12.09 -35.51
N TYR F 18 39.35 -10.84 -35.94
CA TYR F 18 38.32 -9.86 -35.59
C TYR F 18 38.42 -8.65 -36.50
N GLU F 19 37.31 -7.94 -36.65
CA GLU F 19 37.27 -6.69 -37.40
C GLU F 19 36.44 -5.67 -36.65
N ILE F 20 37.02 -4.51 -36.37
CA ILE F 20 36.25 -3.41 -35.79
C ILE F 20 35.51 -2.68 -36.91
N GLU F 21 34.21 -2.92 -37.00
CA GLU F 21 33.38 -2.33 -38.03
C GLU F 21 32.97 -0.91 -37.65
N LYS F 22 32.76 -0.67 -36.37
CA LYS F 22 32.32 0.63 -35.91
C LYS F 22 32.78 0.92 -34.49
N MET F 23 33.17 2.17 -34.25
CA MET F 23 33.61 2.59 -32.93
C MET F 23 33.43 4.09 -32.75
N ARG F 24 32.28 4.50 -32.23
CA ARG F 24 31.98 5.92 -32.08
C ARG F 24 31.13 6.23 -30.86
N ASP F 25 31.70 7.02 -29.95
CA ASP F 25 30.97 7.65 -28.84
C ASP F 25 30.04 6.70 -28.07
N GLY F 26 30.60 5.60 -27.58
CA GLY F 26 29.83 4.67 -26.79
C GLY F 26 29.06 3.65 -27.61
N HIS F 27 29.35 3.57 -28.90
CA HIS F 27 28.71 2.55 -29.72
C HIS F 27 29.79 1.85 -30.55
N VAL F 28 29.84 0.53 -30.43
CA VAL F 28 30.88 -0.29 -31.03
C VAL F 28 30.28 -1.49 -31.77
N VAL F 29 30.79 -1.79 -32.94
CA VAL F 29 30.41 -3.02 -33.66
C VAL F 29 31.66 -3.76 -34.07
N VAL F 30 31.76 -5.03 -33.66
CA VAL F 30 32.91 -5.86 -34.02
C VAL F 30 32.41 -7.18 -34.61
N THR F 31 33.06 -7.66 -35.66
CA THR F 31 32.70 -8.98 -36.20
C THR F 31 33.85 -9.95 -36.03
N THR F 32 33.52 -11.24 -35.96
CA THR F 32 34.55 -12.27 -35.85
C THR F 32 34.00 -13.55 -36.44
N LYS F 33 34.88 -14.41 -36.94
CA LYS F 33 34.39 -15.67 -37.47
C LYS F 33 34.76 -16.78 -36.51
N VAL F 34 33.77 -17.60 -36.16
CA VAL F 34 33.98 -18.71 -35.26
C VAL F 34 34.90 -19.76 -35.88
N VAL F 35 35.98 -20.08 -35.18
CA VAL F 35 36.92 -21.08 -35.67
C VAL F 35 36.96 -22.23 -34.67
N ASN F 36 37.75 -23.25 -34.97
CA ASN F 36 37.74 -24.46 -34.16
C ASN F 36 38.18 -24.24 -32.71
N SER F 37 39.09 -23.29 -32.50
CA SER F 37 39.55 -22.98 -31.14
C SER F 37 38.45 -22.28 -30.33
N SER F 38 37.39 -21.85 -30.99
CA SER F 38 36.26 -21.21 -30.30
C SER F 38 35.30 -22.24 -29.72
N LEU F 39 35.43 -23.48 -30.17
CA LEU F 39 34.43 -24.51 -29.93
C LEU F 39 34.76 -25.43 -28.74
N ASN F 40 33.72 -25.92 -28.06
CA ASN F 40 33.94 -26.93 -27.03
C ASN F 40 34.02 -28.33 -27.65
N TYR F 41 34.12 -29.35 -26.81
CA TYR F 41 34.27 -30.73 -27.28
C TYR F 41 33.10 -31.21 -28.13
N TYR F 42 31.94 -30.59 -27.93
CA TYR F 42 30.73 -30.93 -28.67
C TYR F 42 30.49 -30.06 -29.89
N GLY F 43 31.43 -29.16 -30.21
CA GLY F 43 31.28 -28.34 -31.39
C GLY F 43 30.47 -27.08 -31.21
N ASN F 44 30.21 -26.69 -29.96
CA ASN F 44 29.56 -25.42 -29.71
C ASN F 44 30.57 -24.38 -29.23
N ALA F 45 30.29 -23.11 -29.56
CA ALA F 45 31.09 -21.98 -29.09
C ALA F 45 31.19 -21.93 -27.56
N HIS F 46 32.41 -21.86 -27.04
CA HIS F 46 32.64 -21.87 -25.60
C HIS F 46 31.91 -20.71 -24.92
N GLY F 47 31.34 -20.97 -23.75
CA GLY F 47 30.69 -19.93 -22.98
C GLY F 47 31.67 -18.81 -22.65
N GLY F 48 32.91 -19.21 -22.37
CA GLY F 48 33.98 -18.29 -22.05
C GLY F 48 34.43 -17.49 -23.26
N TYR F 49 34.38 -18.10 -24.43
CA TYR F 49 34.68 -17.43 -25.69
C TYR F 49 33.69 -16.29 -25.97
N LEU F 50 32.40 -16.61 -25.89
CA LEU F 50 31.35 -15.62 -26.10
C LEU F 50 31.44 -14.52 -25.05
N PHE F 51 31.63 -14.92 -23.79
CA PHE F 51 31.78 -13.96 -22.72
C PHE F 51 32.96 -13.03 -22.98
N THR F 52 34.09 -13.59 -23.41
CA THR F 52 35.29 -12.79 -23.66
C THR F 52 35.05 -11.80 -24.80
N LEU F 53 34.34 -12.23 -25.84
CA LEU F 53 33.90 -11.31 -26.89
C LEU F 53 33.14 -10.12 -26.31
N CYS F 54 32.16 -10.42 -25.46
CA CYS F 54 31.36 -9.36 -24.85
C CYS F 54 32.19 -8.43 -23.96
N ASP F 55 33.08 -9.01 -23.18
CA ASP F 55 33.89 -8.23 -22.24
C ASP F 55 34.82 -7.29 -22.98
N GLN F 56 35.46 -7.79 -24.03
CA GLN F 56 36.36 -6.96 -24.82
C GLN F 56 35.62 -5.87 -25.57
N ILE F 57 34.45 -6.17 -26.12
CA ILE F 57 33.71 -5.14 -26.83
C ILE F 57 33.24 -4.08 -25.82
N SER F 58 32.94 -4.52 -24.60
CA SER F 58 32.59 -3.60 -23.52
C SER F 58 33.78 -2.66 -23.23
N GLY F 59 34.98 -3.22 -23.24
CA GLY F 59 36.18 -2.42 -23.07
C GLY F 59 36.33 -1.41 -24.20
N LEU F 60 35.99 -1.82 -25.42
CA LEU F 60 36.01 -0.91 -26.55
C LEU F 60 35.04 0.24 -26.40
N VAL F 61 33.84 -0.04 -25.90
CA VAL F 61 32.88 1.03 -25.65
C VAL F 61 33.49 2.02 -24.66
N VAL F 62 34.06 1.49 -23.58
CA VAL F 62 34.75 2.34 -22.60
C VAL F 62 35.78 3.25 -23.27
N ILE F 63 36.63 2.66 -24.11
CA ILE F 63 37.66 3.42 -24.80
C ILE F 63 37.05 4.48 -25.71
N SER F 64 35.99 4.10 -26.42
CA SER F 64 35.32 5.00 -27.35
C SER F 64 34.73 6.19 -26.61
N LEU F 65 34.52 6.06 -25.30
CA LEU F 65 34.06 7.21 -24.53
C LEU F 65 35.23 8.03 -23.98
N GLY F 66 36.45 7.62 -24.31
CA GLY F 66 37.63 8.32 -23.84
C GLY F 66 37.92 8.04 -22.39
N LEU F 67 37.52 6.87 -21.92
CA LEU F 67 37.68 6.51 -20.52
C LEU F 67 38.56 5.30 -20.29
N ASP F 68 39.12 5.22 -19.08
CA ASP F 68 39.74 4.00 -18.59
C ASP F 68 38.87 3.44 -17.47
N GLY F 69 38.68 2.13 -17.51
CA GLY F 69 37.81 1.45 -16.57
C GLY F 69 38.08 -0.04 -16.52
N VAL F 70 37.54 -0.69 -15.49
CA VAL F 70 37.74 -2.12 -15.30
C VAL F 70 36.38 -2.77 -15.07
N THR F 71 36.20 -4.01 -15.52
CA THR F 71 34.94 -4.69 -15.32
C THR F 71 34.68 -4.96 -13.84
N LEU F 72 33.57 -4.44 -13.35
CA LEU F 72 33.15 -4.62 -11.97
C LEU F 72 32.21 -5.80 -11.83
N GLN F 73 31.27 -5.90 -12.77
CA GLN F 73 30.26 -6.96 -12.69
C GLN F 73 29.79 -7.27 -14.10
N SER F 74 29.36 -8.50 -14.34
CA SER F 74 28.80 -8.84 -15.64
C SER F 74 27.73 -9.92 -15.58
N SER F 75 26.76 -9.81 -16.48
CA SER F 75 25.73 -10.83 -16.62
C SER F 75 25.66 -11.23 -18.08
N ILE F 76 25.48 -12.52 -18.35
CA ILE F 76 25.36 -12.98 -19.73
C ILE F 76 24.27 -14.04 -19.84
N ASN F 77 23.47 -13.91 -20.90
CA ASN F 77 22.45 -14.87 -21.26
C ASN F 77 22.84 -15.56 -22.57
N TYR F 78 22.81 -16.89 -22.57
CA TYR F 78 23.12 -17.67 -23.76
C TYR F 78 21.84 -18.11 -24.44
N LEU F 79 21.64 -17.65 -25.67
CA LEU F 79 20.35 -17.81 -26.34
C LEU F 79 20.40 -18.90 -27.40
N LYS F 80 21.43 -18.86 -28.23
CA LYS F 80 21.63 -19.82 -29.30
C LYS F 80 23.11 -20.13 -29.50
N ALA F 81 23.42 -21.39 -29.73
CA ALA F 81 24.79 -21.84 -29.89
C ALA F 81 25.49 -21.21 -31.10
N GLY F 82 26.76 -20.87 -30.93
CA GLY F 82 27.59 -20.48 -32.05
C GLY F 82 28.24 -21.72 -32.64
N LYS F 83 28.32 -21.76 -33.97
CA LYS F 83 28.85 -22.92 -34.67
C LYS F 83 30.03 -22.54 -35.54
N LEU F 84 30.85 -23.53 -35.88
CA LEU F 84 31.97 -23.34 -36.78
C LEU F 84 31.54 -22.55 -38.02
N ASP F 85 32.37 -21.58 -38.40
CA ASP F 85 32.18 -20.73 -39.57
C ASP F 85 31.07 -19.69 -39.45
N ASP F 86 30.36 -19.69 -38.33
CA ASP F 86 29.43 -18.58 -38.05
C ASP F 86 30.19 -17.27 -38.06
N VAL F 87 29.57 -16.23 -38.63
CA VAL F 87 30.10 -14.89 -38.49
C VAL F 87 29.29 -14.17 -37.41
N LEU F 88 29.96 -13.82 -36.33
CA LEU F 88 29.31 -13.18 -35.20
C LEU F 88 29.50 -11.68 -35.23
N THR F 89 28.40 -10.98 -35.01
CA THR F 89 28.40 -9.54 -34.86
C THR F 89 28.15 -9.20 -33.39
N ILE F 90 29.12 -8.52 -32.80
CA ILE F 90 29.08 -8.12 -31.40
C ILE F 90 28.90 -6.61 -31.33
N LYS F 91 27.73 -6.20 -30.89
CA LYS F 91 27.39 -4.78 -30.80
C LYS F 91 27.35 -4.37 -29.34
N GLY F 92 28.12 -3.34 -29.01
CA GLY F 92 28.12 -2.83 -27.65
C GLY F 92 27.67 -1.38 -27.64
N GLU F 93 26.86 -1.02 -26.66
CA GLU F 93 26.42 0.36 -26.53
C GLU F 93 26.34 0.75 -25.06
N CYS F 94 26.83 1.95 -24.76
CA CYS F 94 26.74 2.48 -23.43
C CYS F 94 25.30 2.95 -23.18
N VAL F 95 24.70 2.45 -22.09
CA VAL F 95 23.32 2.83 -21.76
C VAL F 95 23.36 3.73 -20.53
N HIS F 96 24.55 3.86 -19.96
CA HIS F 96 24.80 4.79 -18.86
C HIS F 96 26.26 5.15 -18.76
N GLN F 97 26.56 6.45 -18.88
CA GLN F 97 27.91 6.93 -18.63
C GLN F 97 27.88 7.78 -17.38
N GLY F 98 28.39 7.23 -16.29
CA GLY F 98 28.43 7.98 -15.05
C GLY F 98 29.79 8.51 -14.70
N ARG F 99 29.85 9.14 -13.53
CA ARG F 99 31.06 9.72 -13.00
C ARG F 99 31.99 8.62 -12.45
N THR F 100 31.41 7.56 -11.90
CA THR F 100 32.19 6.48 -11.34
C THR F 100 31.93 5.13 -12.03
N THR F 101 30.80 5.02 -12.71
CA THR F 101 30.47 3.77 -13.41
C THR F 101 29.95 3.98 -14.82
N CYS F 102 30.14 2.96 -15.65
CA CYS F 102 29.52 2.90 -16.96
C CYS F 102 28.81 1.57 -17.09
N VAL F 103 27.71 1.54 -17.82
CA VAL F 103 27.01 0.29 -18.07
C VAL F 103 26.88 0.05 -19.56
N MET F 104 27.33 -1.12 -20.01
CA MET F 104 27.27 -1.49 -21.40
C MET F 104 26.27 -2.60 -21.66
N ASP F 105 25.51 -2.43 -22.73
CA ASP F 105 24.67 -3.46 -23.29
C ASP F 105 25.43 -4.09 -24.45
N VAL F 106 25.52 -5.41 -24.47
CA VAL F 106 26.22 -6.09 -25.56
C VAL F 106 25.32 -7.16 -26.16
N ASP F 107 25.22 -7.18 -27.48
CA ASP F 107 24.41 -8.17 -28.18
C ASP F 107 25.30 -8.92 -29.17
N ILE F 108 25.13 -10.23 -29.23
CA ILE F 108 25.81 -11.01 -30.25
C ILE F 108 24.77 -11.71 -31.11
N THR F 109 24.87 -11.47 -32.41
CA THR F 109 23.99 -12.09 -33.40
C THR F 109 24.83 -12.81 -34.44
N ASN F 110 24.27 -13.84 -35.09
CA ASN F 110 25.02 -14.54 -36.12
C ASN F 110 24.64 -14.01 -37.51
N GLN F 111 25.23 -14.61 -38.55
CA GLN F 111 25.06 -14.15 -39.92
C GLN F 111 23.62 -14.26 -40.42
N GLU F 112 22.81 -15.06 -39.72
CA GLU F 112 21.40 -15.23 -40.07
C GLU F 112 20.52 -14.25 -39.30
N GLY F 113 21.14 -13.35 -38.54
CA GLY F 113 20.41 -12.38 -37.76
C GLY F 113 19.79 -12.94 -36.48
N ARG F 114 20.17 -14.16 -36.12
CA ARG F 114 19.66 -14.80 -34.91
C ARG F 114 20.42 -14.35 -33.67
N ASN F 115 19.70 -14.12 -32.57
CA ASN F 115 20.35 -13.76 -31.32
C ASN F 115 21.14 -14.91 -30.73
N VAL F 116 22.43 -14.68 -30.54
CA VAL F 116 23.36 -15.66 -30.01
C VAL F 116 23.60 -15.44 -28.53
N CYS F 117 23.84 -14.18 -28.16
CA CYS F 117 24.12 -13.89 -26.76
C CYS F 117 23.69 -12.51 -26.37
N LYS F 118 23.45 -12.32 -25.08
CA LYS F 118 23.01 -11.02 -24.63
C LYS F 118 23.71 -10.76 -23.30
N ALA F 119 24.41 -9.65 -23.15
CA ALA F 119 25.18 -9.42 -21.94
C ALA F 119 25.08 -7.99 -21.42
N THR F 120 25.29 -7.82 -20.13
CA THR F 120 25.35 -6.50 -19.53
C THR F 120 26.64 -6.39 -18.70
N PHE F 121 27.37 -5.30 -18.89
CA PHE F 121 28.62 -5.08 -18.15
C PHE F 121 28.60 -3.81 -17.32
N THR F 122 28.94 -3.96 -16.05
CA THR F 122 29.13 -2.84 -15.15
C THR F 122 30.62 -2.58 -14.99
N MET F 123 31.01 -1.40 -15.46
CA MET F 123 32.39 -0.97 -15.49
C MET F 123 32.63 0.10 -14.44
N PHE F 124 33.76 -0.01 -13.77
CA PHE F 124 34.18 0.98 -12.80
C PHE F 124 35.16 1.94 -13.48
N VAL F 125 34.81 3.22 -13.53
CA VAL F 125 35.65 4.19 -14.21
C VAL F 125 36.88 4.55 -13.37
N THR F 126 38.06 4.35 -13.94
CA THR F 126 39.30 4.56 -13.21
C THR F 126 40.06 5.76 -13.74
N GLY F 127 39.61 6.31 -14.87
CA GLY F 127 40.32 7.46 -15.41
C GLY F 127 39.94 7.88 -16.82
N GLN F 128 40.76 8.77 -17.38
CA GLN F 128 40.55 9.28 -18.72
C GLN F 128 41.56 8.64 -19.68
N ARG F 129 41.40 8.89 -20.98
CA ARG F 129 42.37 8.45 -21.98
C ARG F 129 43.15 9.67 -22.44
N SER F 130 44.25 9.46 -23.15
CA SER F 130 45.02 10.58 -23.69
C SER F 130 45.35 10.38 -25.17
N MET G 4 -25.71 33.11 34.03
CA MET G 4 -26.16 31.91 33.35
C MET G 4 -27.66 31.96 33.11
N LYS G 5 -28.16 33.14 32.77
CA LYS G 5 -29.59 33.35 32.57
C LYS G 5 -30.12 32.56 31.37
N ASP G 6 -29.31 32.47 30.32
CA ASP G 6 -29.71 31.78 29.09
C ASP G 6 -29.90 30.27 29.28
N PHE G 7 -28.92 29.63 29.92
CA PHE G 7 -29.08 28.21 30.26
C PHE G 7 -30.28 27.92 31.13
N HIS G 8 -30.62 28.80 32.06
CA HIS G 8 -31.69 28.45 32.97
C HIS G 8 -33.01 28.69 32.31
N PHE G 9 -33.10 29.74 31.49
CA PHE G 9 -34.29 29.90 30.67
C PHE G 9 -34.53 28.65 29.82
N ASP G 10 -33.49 28.17 29.14
CA ASP G 10 -33.68 27.03 28.23
C ASP G 10 -34.00 25.74 28.99
N ALA G 11 -33.31 25.54 30.11
CA ALA G 11 -33.51 24.37 30.96
C ALA G 11 -34.91 24.28 31.57
N ILE G 12 -35.40 25.37 32.16
CA ILE G 12 -36.74 25.30 32.75
C ILE G 12 -37.80 25.33 31.66
N SER G 13 -37.49 25.96 30.53
CA SER G 13 -38.42 25.96 29.40
C SER G 13 -38.51 24.59 28.73
N ALA G 14 -37.55 23.72 29.01
CA ALA G 14 -37.58 22.39 28.40
C ALA G 14 -37.76 21.25 29.41
N PHE G 15 -37.40 21.48 30.67
CA PHE G 15 -37.44 20.42 31.66
C PHE G 15 -38.24 20.83 32.89
N GLU G 16 -38.92 19.87 33.52
CA GLU G 16 -39.65 20.15 34.75
C GLU G 16 -38.78 20.12 36.00
N ASN G 17 -37.61 19.50 35.90
CA ASN G 17 -36.66 19.50 37.01
C ASN G 17 -35.25 19.21 36.55
N TYR G 18 -34.29 19.81 37.23
CA TYR G 18 -32.88 19.53 36.95
C TYR G 18 -32.01 20.04 38.09
N GLU G 19 -30.82 19.47 38.23
CA GLU G 19 -29.83 19.93 39.19
C GLU G 19 -28.42 19.95 38.60
N ILE G 20 -27.77 21.10 38.65
CA ILE G 20 -26.36 21.17 38.25
C ILE G 20 -25.51 20.72 39.42
N GLU G 21 -25.03 19.48 39.38
CA GLU G 21 -24.21 18.93 40.45
C GLU G 21 -22.74 19.34 40.32
N LYS G 22 -22.31 19.53 39.08
CA LYS G 22 -20.92 19.84 38.78
C LYS G 22 -20.79 20.70 37.53
N MET G 23 -19.92 21.69 37.60
CA MET G 23 -19.66 22.58 36.48
C MET G 23 -18.30 23.24 36.60
N ARG G 24 -17.28 22.63 36.02
CA ARG G 24 -15.93 23.15 36.12
C ARG G 24 -15.12 22.92 34.84
N ASP G 25 -14.79 24.02 34.16
CA ASP G 25 -13.80 24.03 33.08
C ASP G 25 -13.92 22.90 32.06
N GLY G 26 -15.07 22.81 31.40
CA GLY G 26 -15.27 21.82 30.36
C GLY G 26 -15.74 20.48 30.89
N HIS G 27 -16.11 20.45 32.16
CA HIS G 27 -16.68 19.25 32.75
C HIS G 27 -17.97 19.62 33.49
N VAL G 28 -19.06 18.98 33.10
CA VAL G 28 -20.38 19.31 33.63
C VAL G 28 -21.13 18.05 34.02
N VAL G 29 -21.80 18.07 35.17
CA VAL G 29 -22.70 16.99 35.55
C VAL G 29 -24.05 17.53 35.99
N VAL G 30 -25.12 17.06 35.34
CA VAL G 30 -26.47 17.48 35.69
C VAL G 30 -27.34 16.25 35.92
N THR G 31 -28.20 16.29 36.93
CA THR G 31 -29.14 15.19 37.14
C THR G 31 -30.58 15.65 36.93
N THR G 32 -31.45 14.71 36.57
CA THR G 32 -32.87 15.04 36.39
C THR G 32 -33.70 13.80 36.62
N LYS G 33 -34.95 13.98 37.02
CA LYS G 33 -35.80 12.81 37.20
C LYS G 33 -36.81 12.76 36.08
N VAL G 34 -36.93 11.59 35.46
CA VAL G 34 -37.90 11.39 34.38
C VAL G 34 -39.32 11.47 34.90
N VAL G 35 -40.12 12.33 34.28
CA VAL G 35 -41.52 12.52 34.67
C VAL G 35 -42.40 12.13 33.49
N ASN G 36 -43.72 12.24 33.65
CA ASN G 36 -44.65 11.79 32.61
C ASN G 36 -44.51 12.54 31.30
N SER G 37 -44.18 13.82 31.36
CA SER G 37 -44.01 14.60 30.15
C SER G 37 -42.76 14.19 29.38
N SER G 38 -41.90 13.39 30.02
CA SER G 38 -40.69 12.91 29.37
C SER G 38 -40.97 11.68 28.50
N LEU G 39 -42.12 11.07 28.71
CA LEU G 39 -42.41 9.75 28.15
C LEU G 39 -43.20 9.81 26.85
N ASN G 40 -42.99 8.83 25.98
CA ASN G 40 -43.80 8.71 24.78
C ASN G 40 -45.08 7.93 25.11
N TYR G 41 -45.89 7.65 24.09
CA TYR G 41 -47.17 6.98 24.28
C TYR G 41 -47.04 5.60 24.91
N TYR G 42 -45.87 4.99 24.74
CA TYR G 42 -45.57 3.67 25.27
C TYR G 42 -44.85 3.69 26.63
N GLY G 43 -44.66 4.88 27.19
CA GLY G 43 -44.04 4.99 28.49
C GLY G 43 -42.52 5.03 28.49
N ASN G 44 -41.91 5.22 27.33
CA ASN G 44 -40.46 5.39 27.28
C ASN G 44 -40.09 6.86 27.09
N ALA G 45 -38.92 7.22 27.60
CA ALA G 45 -38.36 8.56 27.45
C ALA G 45 -38.22 8.93 25.96
N HIS G 46 -38.77 10.08 25.58
CA HIS G 46 -38.74 10.53 24.19
C HIS G 46 -37.31 10.66 23.70
N GLY G 47 -37.06 10.29 22.44
CA GLY G 47 -35.76 10.47 21.84
C GLY G 47 -35.34 11.93 21.85
N GLY G 48 -36.32 12.80 21.62
CA GLY G 48 -36.09 14.23 21.62
C GLY G 48 -35.81 14.79 23.01
N TYR G 49 -36.43 14.18 24.02
CA TYR G 49 -36.18 14.54 25.42
C TYR G 49 -34.72 14.27 25.80
N LEU G 50 -34.27 13.05 25.52
CA LEU G 50 -32.90 12.64 25.79
C LEU G 50 -31.90 13.49 24.99
N PHE G 51 -32.21 13.69 23.71
CA PHE G 51 -31.35 14.52 22.88
C PHE G 51 -31.24 15.92 23.45
N THR G 52 -32.38 16.50 23.87
CA THR G 52 -32.38 17.87 24.41
C THR G 52 -31.57 17.96 25.72
N LEU G 53 -31.68 16.94 26.56
CA LEU G 53 -30.82 16.85 27.75
C LEU G 53 -29.35 16.95 27.35
N CYS G 54 -28.96 16.15 26.36
CA CYS G 54 -27.58 16.14 25.91
C CYS G 54 -27.16 17.49 25.31
N ASP G 55 -28.04 18.08 24.51
CA ASP G 55 -27.72 19.34 23.83
C ASP G 55 -27.53 20.48 24.81
N GLN G 56 -28.42 20.57 25.79
CA GLN G 56 -28.31 21.61 26.79
C GLN G 56 -27.09 21.41 27.67
N ILE G 57 -26.78 20.17 28.03
CA ILE G 57 -25.60 19.95 28.86
C ILE G 57 -24.35 20.30 28.06
N SER G 58 -24.40 20.06 26.75
CA SER G 58 -23.33 20.48 25.84
C SER G 58 -23.16 22.00 25.86
N GLY G 59 -24.27 22.71 25.86
CA GLY G 59 -24.24 24.16 25.96
C GLY G 59 -23.59 24.59 27.27
N LEU G 60 -23.90 23.87 28.35
CA LEU G 60 -23.27 24.15 29.64
C LEU G 60 -21.77 23.94 29.61
N VAL G 61 -21.32 22.88 28.94
CA VAL G 61 -19.89 22.65 28.80
C VAL G 61 -19.28 23.86 28.12
N VAL G 62 -19.91 24.31 27.03
CA VAL G 62 -19.45 25.52 26.34
C VAL G 62 -19.30 26.70 27.32
N ILE G 63 -20.33 26.93 28.11
CA ILE G 63 -20.34 28.04 29.06
C ILE G 63 -19.23 27.93 30.10
N SER G 64 -19.03 26.73 30.63
CA SER G 64 -18.01 26.49 31.64
C SER G 64 -16.61 26.75 31.12
N LEU G 65 -16.45 26.74 29.80
CA LEU G 65 -15.17 27.07 29.19
C LEU G 65 -15.08 28.56 28.91
N GLY G 66 -16.13 29.29 29.28
CA GLY G 66 -16.10 30.73 29.07
C GLY G 66 -16.28 31.09 27.62
N LEU G 67 -17.05 30.29 26.87
CA LEU G 67 -17.26 30.54 25.44
C LEU G 67 -18.73 30.70 25.03
N ASP G 68 -18.96 31.37 23.89
CA ASP G 68 -20.27 31.33 23.23
C ASP G 68 -20.17 30.57 21.92
N GLY G 69 -21.17 29.74 21.67
CA GLY G 69 -21.20 28.87 20.52
C GLY G 69 -22.58 28.33 20.18
N VAL G 70 -22.68 27.74 19.00
CA VAL G 70 -23.95 27.18 18.52
C VAL G 70 -23.72 25.74 18.06
N THR G 71 -24.71 24.87 18.23
CA THR G 71 -24.55 23.49 17.78
C THR G 71 -24.48 23.40 16.27
N LEU G 72 -23.39 22.84 15.77
CA LEU G 72 -23.20 22.65 14.34
C LEU G 72 -23.66 21.26 13.92
N GLN G 73 -23.31 20.27 14.71
CA GLN G 73 -23.63 18.88 14.35
C GLN G 73 -23.78 18.08 15.62
N SER G 74 -24.61 17.03 15.57
CA SER G 74 -24.72 16.15 16.73
C SER G 74 -25.02 14.72 16.31
N SER G 75 -24.49 13.78 17.08
CA SER G 75 -24.77 12.37 16.90
C SER G 75 -25.24 11.78 18.22
N ILE G 76 -26.23 10.92 18.21
CA ILE G 76 -26.69 10.32 19.45
C ILE G 76 -26.95 8.83 19.25
N ASN G 77 -26.52 8.04 20.22
CA ASN G 77 -26.79 6.61 20.26
C ASN G 77 -27.71 6.31 21.43
N TYR G 78 -28.79 5.59 21.15
CA TYR G 78 -29.76 5.19 22.17
C TYR G 78 -29.49 3.75 22.60
N LEU G 79 -29.15 3.57 23.88
CA LEU G 79 -28.67 2.28 24.36
C LEU G 79 -29.72 1.53 25.17
N LYS G 80 -30.35 2.22 26.12
CA LYS G 80 -31.37 1.61 26.96
C LYS G 80 -32.44 2.66 27.25
N ALA G 81 -33.70 2.23 27.23
CA ALA G 81 -34.84 3.12 27.41
C ALA G 81 -34.85 3.81 28.77
N GLY G 82 -35.24 5.08 28.77
CA GLY G 82 -35.49 5.78 30.02
C GLY G 82 -36.94 5.60 30.45
N LYS G 83 -37.14 5.39 31.75
CA LYS G 83 -38.45 5.14 32.34
C LYS G 83 -38.82 6.16 33.41
N LEU G 84 -40.13 6.25 33.66
CA LEU G 84 -40.66 7.07 34.74
C LEU G 84 -39.93 6.85 36.06
N ASP G 85 -39.63 7.96 36.74
CA ASP G 85 -38.97 7.98 38.05
C ASP G 85 -37.49 7.62 38.02
N ASP G 86 -36.98 7.25 36.84
CA ASP G 86 -35.53 7.10 36.68
C ASP G 86 -34.84 8.41 36.99
N VAL G 87 -33.71 8.33 37.68
CA VAL G 87 -32.84 9.48 37.85
C VAL G 87 -31.70 9.39 36.85
N LEU G 88 -31.66 10.37 35.94
CA LEU G 88 -30.66 10.39 34.89
C LEU G 88 -29.53 11.33 35.26
N THR G 89 -28.31 10.82 35.11
CA THR G 89 -27.11 11.61 35.26
C THR G 89 -26.51 11.85 33.88
N ILE G 90 -26.41 13.13 33.56
CA ILE G 90 -25.93 13.61 32.28
C ILE G 90 -24.57 14.28 32.47
N LYS G 91 -23.53 13.64 31.93
CA LYS G 91 -22.17 14.13 32.05
C LYS G 91 -21.68 14.66 30.71
N GLY G 92 -21.21 15.90 30.70
CA GLY G 92 -20.65 16.49 29.49
C GLY G 92 -19.18 16.79 29.73
N GLU G 93 -18.38 16.51 28.72
CA GLU G 93 -16.94 16.77 28.78
C GLU G 93 -16.43 17.29 27.45
N CYS G 94 -15.64 18.36 27.50
CA CYS G 94 -15.01 18.84 26.29
C CYS G 94 -13.81 17.96 25.96
N VAL G 95 -13.77 17.43 24.74
CA VAL G 95 -12.68 16.56 24.33
C VAL G 95 -11.81 17.30 23.33
N HIS G 96 -12.28 18.48 22.92
CA HIS G 96 -11.52 19.37 22.07
C HIS G 96 -12.02 20.80 22.18
N GLN G 97 -11.11 21.69 22.58
CA GLN G 97 -11.43 23.10 22.55
C GLN G 97 -10.57 23.76 21.51
N GLY G 98 -11.21 24.10 20.40
CA GLY G 98 -10.50 24.76 19.34
C GLY G 98 -10.81 26.24 19.35
N ARG G 99 -10.22 26.89 18.38
CA ARG G 99 -10.36 28.31 18.13
C ARG G 99 -11.71 28.62 17.49
N THR G 100 -12.18 27.71 16.65
CA THR G 100 -13.45 27.87 15.94
C THR G 100 -14.48 26.78 16.28
N THR G 101 -14.00 25.66 16.82
CA THR G 101 -14.91 24.58 17.18
C THR G 101 -14.62 23.98 18.53
N CYS G 102 -15.65 23.43 19.16
CA CYS G 102 -15.49 22.62 20.35
C CYS G 102 -16.23 21.32 20.14
N VAL G 103 -15.73 20.23 20.72
CA VAL G 103 -16.42 18.97 20.65
C VAL G 103 -16.70 18.43 22.04
N MET G 104 -17.96 18.13 22.30
CA MET G 104 -18.38 17.62 23.59
C MET G 104 -18.79 16.17 23.49
N ASP G 105 -18.33 15.39 24.45
CA ASP G 105 -18.80 14.03 24.65
C ASP G 105 -19.82 14.13 25.76
N VAL G 106 -21.00 13.56 25.54
CA VAL G 106 -22.05 13.58 26.56
C VAL G 106 -22.55 12.17 26.80
N ASP G 107 -22.61 11.77 28.07
CA ASP G 107 -23.12 10.45 28.42
C ASP G 107 -24.28 10.57 29.39
N ILE G 108 -25.31 9.76 29.15
CA ILE G 108 -26.42 9.68 30.09
C ILE G 108 -26.53 8.27 30.63
N THR G 109 -26.51 8.20 31.96
CA THR G 109 -26.66 6.95 32.70
C THR G 109 -27.81 7.07 33.69
N ASN G 110 -28.41 5.95 34.07
CA ASN G 110 -29.50 6.00 35.04
C ASN G 110 -29.02 5.68 36.46
N GLN G 111 -29.96 5.64 37.40
CA GLN G 111 -29.65 5.45 38.82
C GLN G 111 -29.00 4.10 39.17
N GLU G 112 -29.14 3.12 38.28
CA GLU G 112 -28.52 1.82 38.46
C GLU G 112 -27.16 1.75 37.77
N GLY G 113 -26.69 2.90 37.29
CA GLY G 113 -25.41 2.98 36.63
C GLY G 113 -25.39 2.46 35.21
N ARG G 114 -26.57 2.20 34.63
CA ARG G 114 -26.63 1.72 33.26
C ARG G 114 -26.55 2.83 32.23
N ASN G 115 -25.84 2.57 31.14
CA ASN G 115 -25.74 3.53 30.04
C ASN G 115 -27.09 3.69 29.35
N VAL G 116 -27.60 4.91 29.31
CA VAL G 116 -28.88 5.17 28.69
C VAL G 116 -28.69 5.67 27.27
N CYS G 117 -27.82 6.66 27.11
CA CYS G 117 -27.51 7.10 25.75
C CYS G 117 -26.19 7.84 25.71
N LYS G 118 -25.63 7.94 24.52
CA LYS G 118 -24.31 8.52 24.36
C LYS G 118 -24.27 9.42 23.13
N ALA G 119 -23.84 10.65 23.30
CA ALA G 119 -23.90 11.62 22.21
C ALA G 119 -22.62 12.41 22.05
N THR G 120 -22.41 12.92 20.85
CA THR G 120 -21.28 13.79 20.56
C THR G 120 -21.81 15.07 19.90
N PHE G 121 -21.34 16.21 20.38
CA PHE G 121 -21.76 17.51 19.84
C PHE G 121 -20.60 18.31 19.30
N THR G 122 -20.76 18.75 18.06
CA THR G 122 -19.83 19.67 17.42
C THR G 122 -20.41 21.07 17.46
N MET G 123 -19.73 21.93 18.19
CA MET G 123 -20.13 23.30 18.44
C MET G 123 -19.26 24.26 17.65
N PHE G 124 -19.88 25.28 17.08
CA PHE G 124 -19.16 26.31 16.38
C PHE G 124 -18.98 27.48 17.36
N VAL G 125 -17.74 27.84 17.66
CA VAL G 125 -17.50 28.91 18.63
C VAL G 125 -17.77 30.26 17.99
N THR G 126 -18.66 31.03 18.62
CA THR G 126 -19.11 32.30 18.05
C THR G 126 -18.60 33.49 18.84
N GLY G 127 -17.97 33.24 19.98
CA GLY G 127 -17.46 34.35 20.78
C GLY G 127 -16.97 33.97 22.16
N GLN G 128 -16.72 34.98 23.00
CA GLN G 128 -16.17 34.71 24.33
C GLN G 128 -17.15 34.59 25.47
N ARG G 129 -18.02 35.56 25.72
CA ARG G 129 -18.99 35.47 26.83
C ARG G 129 -18.33 35.80 28.15
N ALA H 3 36.39 -40.91 -18.34
CA ALA H 3 35.04 -40.79 -17.82
C ALA H 3 34.48 -39.40 -18.11
N MET H 4 35.37 -38.43 -18.12
CA MET H 4 34.97 -37.06 -18.40
C MET H 4 35.97 -36.42 -19.36
N LYS H 5 36.30 -37.17 -20.41
CA LYS H 5 37.26 -36.72 -21.41
C LYS H 5 36.80 -35.41 -22.07
N ASP H 6 35.50 -35.18 -22.11
CA ASP H 6 34.97 -33.93 -22.67
C ASP H 6 35.49 -32.75 -21.87
N PHE H 7 35.39 -32.86 -20.55
CA PHE H 7 35.97 -31.85 -19.67
C PHE H 7 37.45 -31.63 -19.85
N HIS H 8 38.19 -32.68 -20.18
CA HIS H 8 39.64 -32.54 -20.22
C HIS H 8 40.03 -31.92 -21.54
N PHE H 9 39.29 -32.27 -22.58
CA PHE H 9 39.42 -31.63 -23.88
C PHE H 9 39.21 -30.13 -23.74
N ASP H 10 38.12 -29.72 -23.08
CA ASP H 10 37.86 -28.28 -22.95
C ASP H 10 38.83 -27.59 -21.99
N ALA H 11 39.25 -28.31 -20.96
CA ALA H 11 40.22 -27.84 -19.98
C ALA H 11 41.59 -27.59 -20.56
N ILE H 12 41.96 -28.26 -21.64
CA ILE H 12 43.29 -28.02 -22.19
C ILE H 12 43.20 -26.85 -23.15
N SER H 13 42.00 -26.27 -23.24
CA SER H 13 41.78 -25.02 -23.93
C SER H 13 41.67 -23.88 -22.91
N ALA H 14 41.14 -24.20 -21.73
CA ALA H 14 40.94 -23.18 -20.69
C ALA H 14 42.07 -23.07 -19.66
N PHE H 15 42.89 -24.11 -19.55
CA PHE H 15 43.97 -24.13 -18.56
C PHE H 15 45.31 -24.52 -19.19
N GLU H 16 46.38 -23.82 -18.83
CA GLU H 16 47.70 -24.34 -19.17
C GLU H 16 48.10 -25.30 -18.07
N ASN H 17 47.43 -25.17 -16.94
CA ASN H 17 47.63 -26.04 -15.80
C ASN H 17 46.41 -26.02 -14.87
N TYR H 18 46.12 -27.16 -14.24
CA TYR H 18 45.07 -27.24 -13.24
C TYR H 18 45.19 -28.51 -12.42
N GLU H 19 44.63 -28.49 -11.22
CA GLU H 19 44.55 -29.68 -10.40
C GLU H 19 43.18 -29.78 -9.72
N ILE H 20 42.47 -30.88 -9.95
CA ILE H 20 41.21 -31.13 -9.28
C ILE H 20 41.43 -31.72 -7.88
N GLU H 21 41.28 -30.89 -6.86
CA GLU H 21 41.47 -31.31 -5.47
C GLU H 21 40.25 -32.03 -4.91
N LYS H 22 39.07 -31.65 -5.36
CA LYS H 22 37.84 -32.24 -4.84
C LYS H 22 36.74 -32.24 -5.90
N MET H 23 36.01 -33.34 -5.95
CA MET H 23 34.89 -33.46 -6.88
C MET H 23 33.91 -34.52 -6.42
N ARG H 24 32.97 -34.11 -5.58
CA ARG H 24 32.00 -35.04 -5.04
C ARG H 24 30.66 -34.37 -4.78
N ASP H 25 29.63 -34.92 -5.42
CA ASP H 25 28.23 -34.61 -5.11
C ASP H 25 27.90 -33.12 -5.06
N GLY H 26 28.22 -32.39 -6.12
CA GLY H 26 27.87 -30.99 -6.19
C GLY H 26 28.87 -30.08 -5.50
N HIS H 27 30.03 -30.64 -5.16
CA HIS H 27 31.09 -29.85 -4.55
C HIS H 27 32.40 -30.09 -5.29
N VAL H 28 33.00 -29.00 -5.75
CA VAL H 28 34.18 -29.04 -6.58
C VAL H 28 35.23 -28.04 -6.10
N VAL H 29 36.49 -28.48 -6.02
CA VAL H 29 37.59 -27.56 -5.76
C VAL H 29 38.68 -27.80 -6.78
N VAL H 30 39.05 -26.76 -7.52
CA VAL H 30 40.10 -26.86 -8.51
C VAL H 30 41.12 -25.76 -8.28
N THR H 31 42.40 -26.07 -8.42
CA THR H 31 43.42 -25.05 -8.30
C THR H 31 44.10 -24.83 -9.63
N THR H 32 44.64 -23.62 -9.83
CA THR H 32 45.37 -23.30 -11.05
C THR H 32 46.33 -22.16 -10.79
N LYS H 33 47.40 -22.07 -11.57
CA LYS H 33 48.33 -20.97 -11.40
C LYS H 33 48.21 -19.97 -12.54
N VAL H 34 48.10 -18.70 -12.20
CA VAL H 34 48.01 -17.63 -13.19
C VAL H 34 49.32 -17.52 -13.99
N VAL H 35 49.21 -17.60 -15.31
CA VAL H 35 50.37 -17.51 -16.18
C VAL H 35 50.22 -16.32 -17.11
N ASN H 36 51.20 -16.13 -17.99
CA ASN H 36 51.23 -14.96 -18.86
C ASN H 36 50.06 -14.88 -19.83
N SER H 37 49.59 -16.04 -20.30
CA SER H 37 48.46 -16.08 -21.23
C SER H 37 47.15 -15.73 -20.52
N SER H 38 47.18 -15.70 -19.19
CA SER H 38 46.01 -15.33 -18.40
C SER H 38 45.83 -13.82 -18.29
N LEU H 39 46.87 -13.07 -18.64
CA LEU H 39 46.94 -11.65 -18.32
C LEU H 39 46.47 -10.76 -19.46
N ASN H 40 45.88 -9.61 -19.11
CA ASN H 40 45.58 -8.58 -20.09
C ASN H 40 46.80 -7.69 -20.27
N TYR H 41 46.66 -6.63 -21.05
CA TYR H 41 47.76 -5.73 -21.37
C TYR H 41 48.38 -5.05 -20.16
N TYR H 42 47.61 -4.91 -19.10
CA TYR H 42 48.04 -4.23 -17.88
C TYR H 42 48.57 -5.17 -16.80
N GLY H 43 48.69 -6.45 -17.13
CA GLY H 43 49.25 -7.42 -16.21
C GLY H 43 48.30 -8.01 -15.19
N ASN H 44 47.00 -7.82 -15.38
CA ASN H 44 46.02 -8.47 -14.51
C ASN H 44 45.33 -9.63 -15.21
N ALA H 45 44.90 -10.63 -14.44
CA ALA H 45 44.09 -11.70 -15.01
C ALA H 45 42.85 -11.09 -15.63
N HIS H 46 42.70 -11.22 -16.95
CA HIS H 46 41.55 -10.61 -17.63
C HIS H 46 40.23 -11.32 -17.27
N GLY H 47 39.15 -10.54 -17.28
CA GLY H 47 37.82 -11.02 -16.93
C GLY H 47 37.36 -12.28 -17.64
N GLY H 48 37.74 -12.44 -18.89
CA GLY H 48 37.35 -13.63 -19.63
C GLY H 48 38.02 -14.88 -19.13
N TYR H 49 39.26 -14.75 -18.68
CA TYR H 49 40.00 -15.86 -18.07
C TYR H 49 39.34 -16.34 -16.78
N LEU H 50 39.08 -15.40 -15.88
CA LEU H 50 38.44 -15.68 -14.60
C LEU H 50 37.05 -16.30 -14.79
N PHE H 51 36.28 -15.68 -15.68
CA PHE H 51 34.96 -16.20 -15.99
C PHE H 51 35.05 -17.63 -16.52
N THR H 52 35.99 -17.88 -17.41
CA THR H 52 36.14 -19.21 -17.99
C THR H 52 36.48 -20.24 -16.92
N LEU H 53 37.33 -19.86 -15.98
CA LEU H 53 37.64 -20.70 -14.82
C LEU H 53 36.35 -21.10 -14.11
N CYS H 54 35.52 -20.10 -13.80
CA CYS H 54 34.28 -20.36 -13.08
C CYS H 54 33.32 -21.25 -13.86
N ASP H 55 33.22 -21.00 -15.16
CA ASP H 55 32.30 -21.73 -16.02
C ASP H 55 32.66 -23.21 -16.13
N GLN H 56 33.97 -23.43 -16.26
CA GLN H 56 34.57 -24.73 -16.41
C GLN H 56 34.32 -25.51 -15.10
N ILE H 57 34.48 -24.86 -13.94
CA ILE H 57 34.20 -25.51 -12.65
C ILE H 57 32.69 -25.77 -12.45
N SER H 58 31.86 -24.88 -12.98
CA SER H 58 30.42 -25.06 -12.96
C SER H 58 30.04 -26.34 -13.72
N GLY H 59 30.70 -26.55 -14.86
CA GLY H 59 30.49 -27.76 -15.63
C GLY H 59 30.89 -28.99 -14.84
N LEU H 60 31.99 -28.86 -14.08
CA LEU H 60 32.42 -29.95 -13.20
C LEU H 60 31.39 -30.27 -12.13
N VAL H 61 30.80 -29.23 -11.55
CA VAL H 61 29.75 -29.39 -10.56
C VAL H 61 28.60 -30.19 -11.16
N VAL H 62 28.17 -29.79 -12.35
CA VAL H 62 27.12 -30.53 -13.06
C VAL H 62 27.47 -32.00 -13.21
N ILE H 63 28.69 -32.26 -13.67
CA ILE H 63 29.12 -33.64 -13.90
C ILE H 63 29.14 -34.46 -12.60
N SER H 64 29.59 -33.85 -11.51
CA SER H 64 29.68 -34.53 -10.23
C SER H 64 28.32 -34.97 -9.70
N LEU H 65 27.26 -34.35 -10.21
CA LEU H 65 25.90 -34.74 -9.86
C LEU H 65 25.34 -35.79 -10.82
N GLY H 66 26.15 -36.18 -11.81
CA GLY H 66 25.70 -37.17 -12.77
C GLY H 66 24.71 -36.59 -13.76
N LEU H 67 24.83 -35.29 -14.03
CA LEU H 67 23.88 -34.62 -14.92
C LEU H 67 24.49 -34.06 -16.19
N ASP H 68 23.63 -33.87 -17.18
CA ASP H 68 23.95 -33.10 -18.37
C ASP H 68 23.12 -31.84 -18.34
N GLY H 69 23.71 -30.72 -18.74
CA GLY H 69 22.99 -29.48 -18.67
C GLY H 69 23.59 -28.40 -19.56
N VAL H 70 22.82 -27.35 -19.77
CA VAL H 70 23.28 -26.24 -20.59
C VAL H 70 23.10 -24.95 -19.79
N THR H 71 24.10 -24.09 -19.90
CA THR H 71 24.06 -22.81 -19.20
C THR H 71 23.08 -21.85 -19.87
N LEU H 72 22.13 -21.37 -19.08
CA LEU H 72 21.17 -20.39 -19.57
C LEU H 72 21.70 -19.01 -19.28
N GLN H 73 22.25 -18.83 -18.09
CA GLN H 73 22.64 -17.50 -17.66
C GLN H 73 23.81 -17.57 -16.69
N SER H 74 24.62 -16.52 -16.64
CA SER H 74 25.67 -16.44 -15.64
C SER H 74 25.92 -15.00 -15.21
N SER H 75 26.26 -14.82 -13.95
CA SER H 75 26.58 -13.51 -13.40
C SER H 75 27.91 -13.58 -12.67
N ILE H 76 28.75 -12.55 -12.81
CA ILE H 76 30.02 -12.56 -12.10
C ILE H 76 30.36 -11.17 -11.54
N ASN H 77 30.88 -11.17 -10.33
CA ASN H 77 31.44 -9.98 -9.69
C ASN H 77 32.95 -10.13 -9.54
N TYR H 78 33.66 -9.09 -9.96
CA TYR H 78 35.11 -9.05 -9.84
C TYR H 78 35.52 -8.23 -8.63
N LEU H 79 36.18 -8.89 -7.69
CA LEU H 79 36.47 -8.31 -6.39
C LEU H 79 37.93 -7.86 -6.25
N LYS H 80 38.84 -8.71 -6.70
CA LYS H 80 40.27 -8.43 -6.60
C LYS H 80 41.04 -8.95 -7.82
N ALA H 81 41.98 -8.15 -8.30
CA ALA H 81 42.75 -8.51 -9.48
C ALA H 81 43.60 -9.76 -9.24
N GLY H 82 43.64 -10.64 -10.23
CA GLY H 82 44.56 -11.77 -10.21
C GLY H 82 45.87 -11.37 -10.86
N LYS H 83 46.98 -11.85 -10.30
CA LYS H 83 48.31 -11.49 -10.79
C LYS H 83 49.10 -12.71 -11.22
N LEU H 84 50.09 -12.51 -12.07
CA LEU H 84 51.01 -13.58 -12.47
C LEU H 84 51.51 -14.37 -11.26
N ASP H 85 51.49 -15.70 -11.40
CA ASP H 85 51.97 -16.64 -10.39
C ASP H 85 51.05 -16.76 -9.18
N ASP H 86 49.97 -15.99 -9.13
CA ASP H 86 48.94 -16.21 -8.11
C ASP H 86 48.43 -17.63 -8.24
N VAL H 87 48.21 -18.28 -7.10
CA VAL H 87 47.55 -19.58 -7.12
C VAL H 87 46.07 -19.39 -6.78
N LEU H 88 45.22 -19.73 -7.74
CA LEU H 88 43.79 -19.55 -7.58
C LEU H 88 43.10 -20.85 -7.19
N THR H 89 42.25 -20.73 -6.19
CA THR H 89 41.37 -21.80 -5.75
C THR H 89 39.96 -21.47 -6.21
N ILE H 90 39.41 -22.36 -7.02
CA ILE H 90 38.09 -22.22 -7.61
C ILE H 90 37.16 -23.25 -6.96
N LYS H 91 36.23 -22.76 -6.17
CA LYS H 91 35.31 -23.62 -5.45
C LYS H 91 33.92 -23.50 -6.04
N GLY H 92 33.35 -24.61 -6.48
CA GLY H 92 32.00 -24.61 -7.02
C GLY H 92 31.12 -25.48 -6.18
N GLU H 93 29.89 -25.03 -5.93
CA GLU H 93 28.92 -25.83 -5.20
C GLU H 93 27.54 -25.61 -5.79
N CYS H 94 26.78 -26.70 -5.90
CA CYS H 94 25.40 -26.59 -6.32
C CYS H 94 24.57 -26.06 -5.16
N VAL H 95 23.81 -24.99 -5.40
CA VAL H 95 23.00 -24.40 -4.35
C VAL H 95 21.53 -24.68 -4.61
N HIS H 96 21.25 -25.27 -5.76
CA HIS H 96 19.91 -25.74 -6.09
C HIS H 96 19.97 -26.79 -7.18
N GLN H 97 19.47 -27.98 -6.87
CA GLN H 97 19.33 -29.01 -7.88
C GLN H 97 17.88 -29.33 -8.07
N GLY H 98 17.30 -28.86 -9.16
CA GLY H 98 15.91 -29.16 -9.44
C GLY H 98 15.87 -30.24 -10.48
N ARG H 99 14.66 -30.61 -10.89
CA ARG H 99 14.52 -31.65 -11.90
C ARG H 99 14.82 -31.07 -13.27
N THR H 100 14.52 -29.78 -13.45
CA THR H 100 14.73 -29.14 -14.76
C THR H 100 15.76 -28.00 -14.74
N THR H 101 16.08 -27.46 -13.57
CA THR H 101 17.09 -26.41 -13.49
C THR H 101 18.09 -26.66 -12.36
N CYS H 102 19.31 -26.15 -12.54
CA CYS H 102 20.31 -26.15 -11.48
C CYS H 102 20.93 -24.76 -11.32
N VAL H 103 21.30 -24.41 -10.10
CA VAL H 103 22.02 -23.16 -9.86
C VAL H 103 23.34 -23.44 -9.16
N MET H 104 24.44 -22.98 -9.75
CA MET H 104 25.76 -23.21 -9.17
C MET H 104 26.38 -21.90 -8.67
N ASP H 105 26.97 -21.94 -7.49
CA ASP H 105 27.81 -20.84 -7.03
C ASP H 105 29.27 -21.21 -7.21
N VAL H 106 30.06 -20.32 -7.81
CA VAL H 106 31.49 -20.56 -7.95
C VAL H 106 32.27 -19.36 -7.41
N ASP H 107 33.24 -19.61 -6.56
CA ASP H 107 34.06 -18.55 -5.97
C ASP H 107 35.53 -18.79 -6.26
N ILE H 108 36.25 -17.72 -6.58
CA ILE H 108 37.69 -17.81 -6.77
C ILE H 108 38.40 -16.94 -5.75
N THR H 109 39.33 -17.58 -5.02
CA THR H 109 40.17 -16.92 -4.03
C THR H 109 41.64 -17.18 -4.37
N ASN H 110 42.54 -16.29 -3.93
CA ASN H 110 43.95 -16.50 -4.23
C ASN H 110 44.69 -17.19 -3.08
N GLN H 111 46.00 -17.35 -3.23
CA GLN H 111 46.81 -18.11 -2.27
C GLN H 111 46.81 -17.49 -0.87
N GLU H 112 46.44 -16.22 -0.78
CA GLU H 112 46.36 -15.54 0.51
C GLU H 112 44.95 -15.51 1.10
N GLY H 113 44.03 -16.23 0.49
CA GLY H 113 42.66 -16.30 0.98
C GLY H 113 41.79 -15.10 0.65
N ARG H 114 42.27 -14.20 -0.21
CA ARG H 114 41.47 -13.07 -0.64
C ARG H 114 40.52 -13.46 -1.77
N ASN H 115 39.31 -12.94 -1.71
CA ASN H 115 38.32 -13.19 -2.75
C ASN H 115 38.71 -12.53 -4.06
N VAL H 116 38.79 -13.32 -5.12
CA VAL H 116 39.16 -12.77 -6.42
C VAL H 116 37.88 -12.50 -7.22
N CYS H 117 36.99 -13.48 -7.29
CA CYS H 117 35.71 -13.22 -7.96
C CYS H 117 34.61 -14.20 -7.55
N LYS H 118 33.37 -13.83 -7.82
CA LYS H 118 32.23 -14.65 -7.41
C LYS H 118 31.19 -14.72 -8.51
N ALA H 119 30.77 -15.93 -8.85
CA ALA H 119 29.87 -16.13 -9.98
C ALA H 119 28.73 -17.07 -9.65
N THR H 120 27.63 -16.91 -10.39
CA THR H 120 26.46 -17.76 -10.31
C THR H 120 26.08 -18.22 -11.71
N PHE H 121 25.78 -19.51 -11.84
CA PHE H 121 25.39 -20.09 -13.11
C PHE H 121 23.98 -20.68 -13.00
N THR H 122 23.11 -20.27 -13.92
CA THR H 122 21.79 -20.85 -14.05
C THR H 122 21.76 -21.77 -15.26
N MET H 123 21.59 -23.05 -14.95
CA MET H 123 21.59 -24.14 -15.91
C MET H 123 20.28 -24.87 -16.14
N PHE H 124 20.07 -25.25 -17.39
CA PHE H 124 18.94 -26.11 -17.74
C PHE H 124 19.39 -27.57 -17.83
N VAL H 125 18.76 -28.45 -17.05
CA VAL H 125 19.14 -29.86 -17.05
C VAL H 125 18.61 -30.55 -18.30
N THR H 126 19.49 -31.20 -19.05
CA THR H 126 19.12 -31.81 -20.32
C THR H 126 19.15 -33.34 -20.32
N GLY H 127 19.67 -33.94 -19.25
CA GLY H 127 19.70 -35.39 -19.18
C GLY H 127 20.60 -35.96 -18.10
N GLN H 128 20.77 -37.28 -18.12
CA GLN H 128 21.65 -37.97 -17.18
C GLN H 128 22.93 -38.43 -17.87
N1A COA I . -28.88 -11.53 10.62
C2A COA I . -28.04 -12.06 9.70
N3A COA I . -28.12 -11.68 8.39
C4A COA I . -29.02 -10.75 8.02
C5A COA I . -29.85 -10.21 8.93
C6A COA I . -29.76 -10.60 10.25
N6A COA I . -30.54 -10.19 11.42
N7A COA I . -30.63 -9.32 8.31
C8A COA I . -30.31 -9.31 7.01
N9A COA I . -29.31 -10.19 6.82
C1B COA I . -28.69 -10.45 5.57
C2B COA I . -29.62 -10.76 4.66
O2B COA I . -29.91 -12.19 4.65
C3B COA I . -28.94 -10.32 3.33
O3B COA I . -28.09 -11.27 2.95
P3B COA I . -27.70 -11.39 1.36
O7A COA I . -27.44 -12.84 1.03
O8A COA I . -28.85 -10.88 0.51
O9A COA I . -26.46 -10.57 1.08
C4B COA I . -28.16 -9.00 3.73
O4B COA I . -27.97 -9.07 5.02
C5B COA I . -28.99 -7.76 3.37
O5B COA I . -30.22 -7.83 4.05
P1A COA I . -31.27 -6.56 3.98
O1A COA I . -32.64 -7.05 4.40
O2A COA I . -31.32 -6.00 2.59
O3A COA I . -30.75 -5.39 5.04
P2A COA I . -30.80 -5.55 6.69
O4A COA I . -31.88 -6.51 7.09
O5A COA I . -31.08 -4.21 7.30
O6A COA I . -29.34 -6.12 7.24
CBP COA I . -27.10 -5.52 7.67
CCP COA I . -28.55 -5.31 8.07
CDP COA I . -26.17 -4.88 8.71
CEP COA I . -26.84 -7.05 7.59
CAP COA I . -26.93 -4.85 6.26
OAP COA I . -27.34 -3.55 6.34
C9P COA I . -25.48 -4.89 5.75
O9P COA I . -24.99 -5.90 5.38
N8P COA I . -24.68 -3.62 5.68
C7P COA I . -23.29 -3.66 5.16
C6P COA I . -22.29 -3.94 6.33
C5P COA I . -20.86 -3.57 5.89
O5P COA I . -20.51 -3.80 4.79
N4P COA I . -19.93 -2.91 6.85
C3P COA I . -18.56 -2.55 6.42
C2P COA I . -17.64 -3.80 6.55
S1P COA I . -17.63 -4.34 8.30
N1A COA J . 30.99 8.69 -4.44
C2A COA J . 29.86 9.26 -3.94
N3A COA J . 28.87 9.66 -4.79
C4A COA J . 29.02 9.51 -6.11
C5A COA J . 30.14 8.96 -6.61
C6A COA J . 31.14 8.54 -5.75
N6A COA J . 32.44 7.91 -6.01
N7A COA J . 30.03 8.93 -7.94
C8A COA J . 28.84 9.46 -8.29
N9A COA J . 28.21 9.83 -7.16
C1B COA J . 26.93 10.44 -7.11
C2B COA J . 26.90 11.53 -7.87
O2B COA J . 27.43 12.71 -7.16
C3B COA J . 25.40 11.69 -8.21
O3B COA J . 24.78 12.25 -7.18
P3B COA J . 23.83 13.58 -7.42
O7A COA J . 24.54 14.54 -8.34
O8A COA J . 22.51 13.16 -8.05
O9A COA J . 23.56 14.25 -6.10
C4B COA J . 24.92 10.20 -8.41
O4B COA J . 25.79 9.45 -7.78
C5B COA J . 24.86 9.84 -9.90
O5B COA J . 26.03 10.28 -10.56
P1A COA J . 26.37 9.69 -12.07
O1A COA J . 27.69 10.24 -12.54
O2A COA J . 25.29 10.09 -13.03
O3A COA J . 26.45 8.03 -12.00
P2A COA J . 27.71 7.17 -11.37
O4A COA J . 28.94 8.03 -11.24
O5A COA J . 28.02 6.00 -12.28
O6A COA J . 27.27 6.58 -9.87
CBP COA J . 25.44 5.28 -9.17
CCP COA J . 26.84 5.26 -9.78
CDP COA J . 25.07 3.87 -8.66
CEP COA J . 25.44 6.25 -7.95
CAP COA J . 24.44 5.76 -10.27
OAP COA J . 24.57 4.94 -11.36
C9P COA J . 23.00 5.69 -9.75
O9P COA J . 22.55 6.57 -9.09
N8P COA J . 22.16 4.50 -10.09
C7P COA J . 20.76 4.44 -9.57
C6P COA J . 20.83 3.89 -8.11
C5P COA J . 19.42 3.53 -7.63
O5P COA J . 18.53 4.29 -7.77
N4P COA J . 19.18 2.21 -6.99
C3P COA J . 17.83 1.84 -6.53
C2P COA J . 17.51 2.65 -5.24
S1P COA J . 18.62 2.09 -3.88
N1A COA K . -10.08 29.33 9.51
C2A COA K . -8.91 28.84 9.03
N3A COA K . -8.12 28.07 9.85
C4A COA K . -8.51 27.81 11.10
C5A COA K . -9.67 28.30 11.57
C6A COA K . -10.47 29.09 10.75
N6A COA K . -11.75 29.74 10.99
N7A COA K . -9.82 27.90 12.84
C8A COA K . -8.74 27.16 13.17
N9A COA K . -7.94 27.10 12.10
C1B COA K . -6.69 26.40 12.04
C2B COA K . -5.88 26.84 12.99
O2B COA K . -5.15 28.04 12.57
C3B COA K . -4.91 25.65 13.20
O3B COA K . -3.99 25.65 12.23
P3B COA K . -2.42 25.37 12.65
O7A COA K . -1.94 26.47 13.55
O8A COA K . -2.32 24.04 13.37
O9A COA K . -1.57 25.32 11.40
C4B COA K . -5.85 24.39 13.05
O4B COA K . -6.90 24.79 12.37
C5B COA K . -6.26 23.87 14.43
O5B COA K . -6.83 24.92 15.19
P1A COA K . -7.59 24.56 16.61
O1A COA K . -7.88 25.83 17.37
O2A COA K . -6.72 23.66 17.45
O3A COA K . -9.01 23.76 16.27
P2A COA K . -10.32 24.47 15.55
O4A COA K . -10.26 25.97 15.71
O5A COA K . -11.58 23.96 16.21
O6A COA K . -10.33 24.11 13.94
CBP COA K . -10.37 22.09 12.72
CCP COA K . -11.21 23.12 13.46
CDP COA K . -11.29 21.18 11.89
CEP COA K . -9.41 22.83 11.75
CAP COA K . -9.57 21.28 13.78
OAP COA K . -10.43 20.73 14.68
C9P COA K . -8.80 20.14 13.11
O9P COA K . -7.73 20.33 12.61
N8P COA K . -9.40 18.77 13.08
C7P COA K . -8.65 17.68 12.42
C6P COA K . -8.86 17.83 10.88
C5P COA K . -8.45 16.49 10.24
O5P COA K . -7.43 15.97 10.56
N4P COA K . -9.33 15.86 9.25
C3P COA K . -8.92 14.57 8.65
C2P COA K . -7.87 14.88 7.55
S1P COA K . -8.70 15.84 6.23
N1A COA L . 7.57 -27.80 -15.58
C2A COA L . 6.56 -27.54 -14.70
N3A COA L . 6.75 -27.74 -13.37
C4A COA L . 7.93 -28.19 -12.91
C5A COA L . 8.92 -28.45 -13.77
C6A COA L . 8.73 -28.26 -15.13
N6A COA L . 9.64 -28.47 -16.26
N7A COA L . 9.99 -28.90 -13.07
C8A COA L . 9.64 -28.90 -11.77
N9A COA L . 8.38 -28.46 -11.66
C1B COA L . 7.67 -28.34 -10.44
C2B COA L . 7.78 -29.47 -9.75
O2B COA L . 6.66 -30.38 -10.05
C3B COA L . 7.70 -29.01 -8.26
O3B COA L . 6.43 -28.94 -7.88
P3B COA L . 6.07 -28.88 -6.28
O7A COA L . 4.72 -29.49 -6.05
O8A COA L . 7.12 -29.65 -5.51
O9A COA L . 6.07 -27.44 -5.82
C4B COA L . 8.37 -27.59 -8.27
O4B COA L . 8.35 -27.16 -9.52
C5B COA L . 9.82 -27.68 -7.77
O5B COA L . 10.60 -28.32 -8.75
P1A COA L . 12.20 -28.57 -8.45
O1A COA L . 12.61 -29.91 -9.02
O2A COA L . 12.45 -28.54 -6.97
O3A COA L . 13.06 -27.36 -9.19
P2A COA L . 13.09 -27.19 -10.83
O4A COA L . 12.98 -28.56 -11.45
O5A COA L . 14.40 -26.57 -11.25
O6A COA L . 11.82 -26.25 -11.32
CBP COA L . 11.10 -24.00 -11.53
CCP COA L . 12.07 -25.05 -12.02
CDP COA L . 11.31 -22.70 -12.33
CEP COA L . 9.65 -24.51 -11.74
CAP COA L . 11.41 -23.77 -10.01
OAP COA L . 12.74 -23.46 -9.87
C9P COA L . 10.57 -22.65 -9.36
O9P COA L . 9.42 -22.81 -9.13
N8P COA L . 11.23 -21.36 -8.98
C7P COA L . 10.44 -20.29 -8.32
C6P COA L . 9.61 -19.49 -9.38
C5P COA L . 9.12 -18.17 -8.73
O5P COA L . 8.67 -18.19 -7.64
N4P COA L . 9.22 -16.89 -9.48
C3P COA L . 8.76 -15.64 -8.85
C2P COA L . 7.23 -15.46 -9.08
S1P COA L . 6.92 -15.29 -10.89
#